data_7ETE
#
_entry.id   7ETE
#
_cell.length_a   147.565
_cell.length_b   90.353
_cell.length_c   86.518
_cell.angle_alpha   90.000
_cell.angle_beta   122.230
_cell.angle_gamma   90.000
#
_symmetry.space_group_name_H-M   'C 1 2 1'
#
loop_
_entity.id
_entity.type
_entity.pdbx_description
1 polymer '4-hydroxy-2-oxoheptanedioate aldolase'
2 non-polymer '(4R,5R)-4,5,6-tris(oxidanyl)-2-oxidanylidene-hexanoic acid'
3 non-polymer 'MAGNESIUM ION'
4 non-polymer 'CALCIUM ION'
5 water water
#
_entity_poly.entity_id   1
_entity_poly.type   'polypeptide(L)'
_entity_poly.pdbx_seq_one_letter_code
;MVNTVNYFKQKLKTEQQIGMWVGLADGYCAEIAANVGYDWLLIDGEHAPNDVRSILAQLQSIAAYPSQAVVRPVSGDVPL
IKQLLDIGAQTLLIPMVESAEQAELMVKATRYPPEGIRGVGAALARASRWNNISDYLQTADEQICLLVQVESKKGLDNLD
EILNVDGVDGIFIGPADLSAALGYRGNPGHEFVQNIIVQTIQKIRAAGKAAGILSADEKLAKQYLELGTEFVAVGVDTSL
LMKSMKQLLSKFKNVDGPVSTSPSVY
;
_entity_poly.pdbx_strand_id   A,B,C
#
loop_
_chem_comp.id
_chem_comp.type
_chem_comp.name
_chem_comp.formula
CA non-polymer 'CALCIUM ION' 'Ca 2'
JBU non-polymer '(4R,5R)-4,5,6-tris(oxidanyl)-2-oxidanylidene-hexanoic acid' 'C6 H10 O6'
MG non-polymer 'MAGNESIUM ION' 'Mg 2'
#
# COMPACT_ATOMS: atom_id res chain seq x y z
N MET A 1 26.42 6.17 -18.68
CA MET A 1 25.05 6.63 -18.98
C MET A 1 24.81 7.95 -18.21
N VAL A 2 24.27 8.97 -18.89
CA VAL A 2 23.78 10.21 -18.21
C VAL A 2 22.33 9.92 -17.77
N ASN A 3 21.83 10.64 -16.76
CA ASN A 3 20.42 10.50 -16.25
C ASN A 3 19.48 10.69 -17.46
N THR A 4 18.35 9.98 -17.50
CA THR A 4 17.28 10.19 -18.52
C THR A 4 16.82 11.66 -18.48
N VAL A 5 16.80 12.36 -19.60
CA VAL A 5 16.42 13.80 -19.59
C VAL A 5 14.90 13.85 -19.49
N ASN A 6 14.37 14.66 -18.58
CA ASN A 6 12.91 14.80 -18.42
C ASN A 6 12.43 15.88 -19.41
N TYR A 7 12.04 15.44 -20.59
CA TYR A 7 11.62 16.34 -21.69
C TYR A 7 10.24 16.90 -21.34
N PHE A 8 9.40 16.17 -20.61
CA PHE A 8 8.08 16.70 -20.18
C PHE A 8 8.34 17.98 -19.38
N LYS A 9 9.24 17.87 -18.42
CA LYS A 9 9.58 19.00 -17.53
C LYS A 9 10.08 20.20 -18.35
N GLN A 10 11.02 20.00 -19.27
CA GLN A 10 11.59 21.09 -20.11
C GLN A 10 10.49 21.73 -20.94
N LYS A 11 9.62 20.88 -21.49
CA LYS A 11 8.57 21.36 -22.41
C LYS A 11 7.47 22.13 -21.69
N LEU A 12 7.37 22.04 -20.35
CA LEU A 12 6.42 22.86 -19.56
C LEU A 12 6.66 24.35 -19.86
N LYS A 13 7.84 24.73 -20.31
CA LYS A 13 8.18 26.16 -20.54
C LYS A 13 8.22 26.48 -22.03
N THR A 14 8.18 25.49 -22.92
CA THR A 14 8.43 25.73 -24.37
C THR A 14 7.23 25.33 -25.25
N GLU A 15 6.32 24.47 -24.83
CA GLU A 15 5.20 24.10 -25.72
C GLU A 15 4.01 23.59 -24.91
N GLN A 16 2.95 23.26 -25.63
CA GLN A 16 1.71 22.71 -25.04
C GLN A 16 1.72 21.23 -25.34
N GLN A 17 1.68 20.40 -24.29
CA GLN A 17 1.92 18.94 -24.39
C GLN A 17 0.58 18.22 -24.34
N ILE A 18 0.31 17.40 -25.34
CA ILE A 18 -1.00 16.66 -25.45
C ILE A 18 -0.83 15.29 -24.78
N GLY A 19 -1.76 14.94 -23.90
CA GLY A 19 -1.65 13.73 -23.09
C GLY A 19 -2.77 12.76 -23.26
N MET A 20 -2.49 11.51 -22.86
CA MET A 20 -3.49 10.42 -22.85
C MET A 20 -3.43 9.79 -21.45
N TRP A 21 -4.60 9.57 -20.88
CA TRP A 21 -4.75 8.88 -19.59
C TRP A 21 -4.63 7.37 -19.79
N VAL A 22 -3.77 6.71 -19.02
CA VAL A 22 -3.54 5.26 -19.17
C VAL A 22 -4.07 4.60 -17.90
N GLY A 23 -5.26 4.02 -17.99
CA GLY A 23 -5.91 3.31 -16.88
C GLY A 23 -6.12 1.86 -17.19
N LEU A 24 -5.54 1.29 -18.26
CA LEU A 24 -5.74 -0.14 -18.54
C LEU A 24 -4.80 -1.00 -17.69
N ALA A 25 -3.83 -0.41 -16.98
CA ALA A 25 -3.19 -1.05 -15.81
C ALA A 25 -2.38 -2.27 -16.25
N ASP A 26 -1.75 -2.18 -17.40
CA ASP A 26 -1.20 -3.37 -18.07
C ASP A 26 0.01 -2.91 -18.95
N GLY A 27 1.18 -3.55 -18.85
CA GLY A 27 2.34 -3.20 -19.70
C GLY A 27 2.05 -3.29 -21.21
N TYR A 28 1.25 -4.25 -21.64
CA TYR A 28 0.92 -4.48 -23.07
C TYR A 28 0.04 -3.33 -23.60
N CYS A 29 -1.05 -3.04 -22.90
CA CYS A 29 -1.90 -1.83 -23.20
C CYS A 29 -1.08 -0.53 -23.14
N ALA A 30 -0.19 -0.39 -22.17
CA ALA A 30 0.63 0.85 -22.07
C ALA A 30 1.48 0.98 -23.33
N GLU A 31 2.03 -0.14 -23.83
CA GLU A 31 2.85 -0.10 -25.08
C GLU A 31 1.98 0.34 -26.29
N ILE A 32 0.76 -0.12 -26.39
CA ILE A 32 -0.13 0.26 -27.49
C ILE A 32 -0.29 1.79 -27.45
N ALA A 33 -0.58 2.33 -26.29
CA ALA A 33 -0.76 3.79 -26.12
C ALA A 33 0.56 4.49 -26.49
N ALA A 34 1.71 3.93 -26.11
CA ALA A 34 3.04 4.55 -26.31
C ALA A 34 3.34 4.68 -27.81
N ASN A 35 2.76 3.85 -28.68
CA ASN A 35 3.02 3.92 -30.15
C ASN A 35 2.31 5.09 -30.81
N VAL A 36 1.33 5.72 -30.15
CA VAL A 36 0.41 6.65 -30.85
C VAL A 36 1.15 7.97 -31.14
N GLY A 37 1.96 8.49 -30.22
CA GLY A 37 2.68 9.76 -30.38
C GLY A 37 2.20 10.87 -29.44
N TYR A 38 1.49 10.56 -28.35
CA TYR A 38 1.18 11.57 -27.31
C TYR A 38 2.45 12.11 -26.70
N ASP A 39 2.43 13.37 -26.32
CA ASP A 39 3.54 14.03 -25.62
C ASP A 39 3.76 13.36 -24.25
N TRP A 40 2.65 13.02 -23.57
CA TRP A 40 2.70 12.40 -22.24
C TRP A 40 1.60 11.36 -22.08
N LEU A 41 1.88 10.41 -21.20
CA LEU A 41 0.98 9.29 -20.86
C LEU A 41 0.86 9.32 -19.35
N LEU A 42 -0.34 9.46 -18.81
CA LEU A 42 -0.56 9.49 -17.34
C LEU A 42 -0.85 8.08 -16.85
N ILE A 43 0.09 7.47 -16.13
CA ILE A 43 -0.09 6.10 -15.62
C ILE A 43 -0.84 6.27 -14.29
N ASP A 44 -2.14 5.90 -14.27
CA ASP A 44 -3.03 6.27 -13.14
C ASP A 44 -2.96 5.24 -12.01
N GLY A 45 -2.24 5.58 -10.94
CA GLY A 45 -2.17 4.76 -9.71
C GLY A 45 -3.24 5.12 -8.71
N GLU A 46 -4.13 6.05 -9.04
CA GLU A 46 -5.18 6.53 -8.09
C GLU A 46 -6.50 5.89 -8.46
N HIS A 47 -6.86 5.86 -9.74
CA HIS A 47 -8.22 5.47 -10.18
C HIS A 47 -8.19 4.28 -11.15
N ALA A 48 -7.02 3.66 -11.37
CA ALA A 48 -6.91 2.38 -12.12
C ALA A 48 -6.27 1.36 -11.20
N PRO A 49 -6.52 0.04 -11.39
CA PRO A 49 -6.00 -0.98 -10.45
C PRO A 49 -4.51 -1.27 -10.65
N ASN A 50 -3.70 -0.28 -10.25
CA ASN A 50 -2.23 -0.31 -10.38
C ASN A 50 -1.59 -0.42 -9.00
N ASP A 51 -0.40 -0.98 -8.96
CA ASP A 51 0.48 -0.99 -7.77
C ASP A 51 1.88 -0.67 -8.26
N VAL A 52 2.86 -0.61 -7.37
CA VAL A 52 4.24 -0.27 -7.82
C VAL A 52 4.66 -1.24 -8.94
N ARG A 53 4.37 -2.51 -8.80
CA ARG A 53 4.90 -3.50 -9.78
C ARG A 53 4.21 -3.32 -11.14
N SER A 54 2.90 -3.06 -11.17
CA SER A 54 2.24 -2.91 -12.51
C SER A 54 2.70 -1.57 -13.13
N ILE A 55 2.93 -0.55 -12.31
CA ILE A 55 3.42 0.76 -12.83
C ILE A 55 4.83 0.56 -13.42
N LEU A 56 5.70 -0.20 -12.74
CA LEU A 56 7.05 -0.49 -13.28
C LEU A 56 6.94 -1.12 -14.67
N ALA A 57 6.07 -2.11 -14.82
CA ALA A 57 5.94 -2.83 -16.10
C ALA A 57 5.54 -1.82 -17.20
N GLN A 58 4.68 -0.85 -16.89
CA GLN A 58 4.22 0.15 -17.89
C GLN A 58 5.33 1.15 -18.18
N LEU A 59 6.14 1.58 -17.21
CA LEU A 59 7.34 2.41 -17.44
C LEU A 59 8.28 1.70 -18.40
N GLN A 60 8.47 0.39 -18.22
CA GLN A 60 9.40 -0.39 -19.06
C GLN A 60 8.87 -0.43 -20.51
N SER A 61 7.58 -0.67 -20.70
CA SER A 61 6.96 -0.69 -22.06
C SER A 61 7.19 0.66 -22.76
N ILE A 62 6.82 1.73 -22.05
CA ILE A 62 6.76 3.12 -22.58
C ILE A 62 8.18 3.64 -22.88
N ALA A 63 9.18 3.19 -22.11
CA ALA A 63 10.57 3.70 -22.15
C ALA A 63 11.16 3.62 -23.57
N ALA A 64 10.72 2.69 -24.40
CA ALA A 64 11.28 2.52 -25.77
C ALA A 64 10.74 3.59 -26.73
N TYR A 65 9.84 4.47 -26.28
CA TYR A 65 9.02 5.35 -27.14
C TYR A 65 9.18 6.76 -26.63
N PRO A 66 9.05 7.76 -27.53
CA PRO A 66 9.27 9.15 -27.15
C PRO A 66 8.28 9.72 -26.11
N SER A 67 7.08 9.15 -25.99
CA SER A 67 6.03 9.64 -25.06
C SER A 67 6.61 9.70 -23.64
N GLN A 68 6.38 10.78 -22.93
CA GLN A 68 6.91 10.94 -21.56
C GLN A 68 5.91 10.34 -20.56
N ALA A 69 6.40 9.61 -19.57
CA ALA A 69 5.51 9.03 -18.54
C ALA A 69 5.42 10.00 -17.34
N VAL A 70 4.18 10.11 -16.88
CA VAL A 70 3.74 10.80 -15.66
C VAL A 70 2.99 9.78 -14.83
N VAL A 71 3.28 9.73 -13.54
CA VAL A 71 2.61 8.74 -12.65
C VAL A 71 1.78 9.48 -11.64
N ARG A 72 0.53 9.09 -11.50
CA ARG A 72 -0.32 9.61 -10.41
C ARG A 72 -0.38 8.58 -9.28
N PRO A 73 0.26 8.81 -8.14
CA PRO A 73 0.08 7.91 -6.99
C PRO A 73 -1.33 8.03 -6.40
N VAL A 74 -1.77 7.01 -5.63
CA VAL A 74 -3.14 7.00 -5.04
C VAL A 74 -3.31 8.21 -4.10
N SER A 75 -2.24 8.69 -3.44
CA SER A 75 -2.32 9.86 -2.55
C SER A 75 -0.92 10.45 -2.39
N GLY A 76 -0.83 11.58 -1.72
CA GLY A 76 0.48 12.19 -1.46
C GLY A 76 1.16 11.53 -0.29
N ASP A 77 1.52 10.27 -0.46
CA ASP A 77 2.08 9.41 0.59
C ASP A 77 3.60 9.39 0.33
N VAL A 78 4.38 9.87 1.30
CA VAL A 78 5.86 10.03 1.16
C VAL A 78 6.53 8.69 0.81
N PRO A 79 6.29 7.57 1.52
CA PRO A 79 6.93 6.29 1.19
C PRO A 79 6.57 5.81 -0.22
N LEU A 80 5.32 6.01 -0.66
CA LEU A 80 4.87 5.60 -2.02
C LEU A 80 5.58 6.44 -3.08
N ILE A 81 5.69 7.73 -2.82
CA ILE A 81 6.45 8.64 -3.72
C ILE A 81 7.89 8.11 -3.85
N LYS A 82 8.56 7.81 -2.75
CA LYS A 82 9.88 7.17 -2.71
C LYS A 82 9.89 5.94 -3.64
N GLN A 83 8.89 5.07 -3.52
CA GLN A 83 8.91 3.83 -4.34
C GLN A 83 8.80 4.15 -5.84
N LEU A 84 7.90 5.04 -6.21
CA LEU A 84 7.64 5.40 -7.63
C LEU A 84 8.85 6.13 -8.24
N LEU A 85 9.53 6.97 -7.49
CA LEU A 85 10.79 7.60 -7.98
C LEU A 85 11.88 6.53 -8.20
N ASP A 86 11.98 5.56 -7.33
CA ASP A 86 13.06 4.52 -7.45
C ASP A 86 12.83 3.57 -8.63
N ILE A 87 11.56 3.34 -9.04
CA ILE A 87 11.28 2.49 -10.22
C ILE A 87 11.48 3.33 -11.49
N GLY A 88 11.64 4.64 -11.36
CA GLY A 88 12.15 5.52 -12.41
C GLY A 88 11.12 6.49 -12.97
N ALA A 89 9.98 6.67 -12.33
CA ALA A 89 8.97 7.71 -12.68
C ALA A 89 9.62 9.06 -12.45
N GLN A 90 9.79 9.87 -13.49
CA GLN A 90 10.50 11.16 -13.32
C GLN A 90 9.51 12.29 -13.11
N THR A 91 8.25 12.10 -13.48
CA THR A 91 7.18 13.12 -13.25
C THR A 91 6.03 12.52 -12.45
N LEU A 92 5.65 13.17 -11.35
CA LEU A 92 4.54 12.72 -10.50
C LEU A 92 3.43 13.76 -10.50
N LEU A 93 2.19 13.27 -10.47
CA LEU A 93 0.98 14.09 -10.35
C LEU A 93 0.31 13.71 -9.02
N ILE A 94 0.42 14.55 -8.01
CA ILE A 94 -0.09 14.21 -6.66
C ILE A 94 -1.56 14.62 -6.60
N PRO A 95 -2.51 13.71 -6.25
CA PRO A 95 -3.89 14.08 -6.09
C PRO A 95 -4.14 14.86 -4.79
N MET A 96 -5.20 15.64 -4.85
CA MET A 96 -5.91 16.22 -3.69
C MET A 96 -4.92 16.98 -2.82
N VAL A 97 -4.14 17.90 -3.40
CA VAL A 97 -3.23 18.79 -2.63
C VAL A 97 -4.06 20.00 -2.19
N GLU A 98 -3.97 20.37 -0.93
CA GLU A 98 -4.97 21.31 -0.33
C GLU A 98 -4.34 22.44 0.46
N SER A 99 -3.02 22.50 0.58
CA SER A 99 -2.32 23.55 1.36
C SER A 99 -0.89 23.69 0.84
N ALA A 100 -0.30 24.87 1.09
CA ALA A 100 1.15 25.11 0.88
C ALA A 100 1.96 24.12 1.72
N GLU A 101 1.56 23.80 2.94
CA GLU A 101 2.29 22.86 3.85
C GLU A 101 2.37 21.49 3.16
N GLN A 102 1.26 21.04 2.60
CA GLN A 102 1.22 19.73 1.93
C GLN A 102 2.06 19.79 0.66
N ALA A 103 1.94 20.85 -0.12
CA ALA A 103 2.75 21.00 -1.36
C ALA A 103 4.24 21.02 -1.03
N GLU A 104 4.64 21.70 0.02
CA GLU A 104 6.08 21.76 0.44
C GLU A 104 6.54 20.35 0.81
N LEU A 105 5.73 19.58 1.53
CA LEU A 105 6.13 18.22 1.91
C LEU A 105 6.31 17.36 0.63
N MET A 106 5.46 17.53 -0.38
CA MET A 106 5.56 16.77 -1.65
C MET A 106 6.85 17.17 -2.40
N VAL A 107 7.27 18.43 -2.33
CA VAL A 107 8.57 18.89 -2.89
C VAL A 107 9.69 18.11 -2.22
N LYS A 108 9.67 18.04 -0.90
CA LYS A 108 10.74 17.41 -0.11
C LYS A 108 10.74 15.91 -0.42
N ALA A 109 9.54 15.35 -0.57
CA ALA A 109 9.36 13.91 -0.85
C ALA A 109 10.11 13.55 -2.13
N THR A 110 10.29 14.52 -3.07
CA THR A 110 10.93 14.25 -4.38
C THR A 110 12.43 14.55 -4.39
N ARG A 111 13.01 15.04 -3.30
CA ARG A 111 14.42 15.54 -3.28
C ARG A 111 15.21 14.82 -2.21
N TYR A 112 16.42 14.44 -2.55
CA TYR A 112 17.32 13.75 -1.58
C TYR A 112 17.70 14.66 -0.43
N PRO A 113 18.01 14.05 0.73
CA PRO A 113 18.59 14.80 1.84
C PRO A 113 19.91 15.36 1.32
N PRO A 114 20.39 16.46 1.89
CA PRO A 114 19.78 17.07 3.08
C PRO A 114 18.61 18.03 2.79
N GLU A 115 18.41 18.44 1.53
CA GLU A 115 17.37 19.42 1.12
C GLU A 115 15.99 18.76 1.17
N GLY A 116 15.88 17.47 0.81
CA GLY A 116 14.59 16.75 0.89
C GLY A 116 14.60 15.52 1.79
N ILE A 117 13.59 14.67 1.66
CA ILE A 117 13.36 13.47 2.52
C ILE A 117 13.19 12.22 1.65
N ARG A 118 13.51 12.29 0.37
CA ARG A 118 13.53 11.07 -0.49
C ARG A 118 14.59 10.08 0.04
N GLY A 119 14.13 8.89 0.38
CA GLY A 119 14.98 7.78 0.82
C GLY A 119 16.00 7.43 -0.25
N VAL A 120 17.21 7.15 0.18
CA VAL A 120 18.37 6.88 -0.70
C VAL A 120 18.53 5.37 -0.87
N GLY A 121 18.45 4.88 -2.10
CA GLY A 121 18.65 3.47 -2.44
C GLY A 121 19.01 3.28 -3.89
N ALA A 122 20.07 3.97 -4.33
CA ALA A 122 20.45 4.06 -5.75
C ALA A 122 21.02 2.72 -6.28
N ALA A 123 21.68 1.94 -5.45
CA ALA A 123 22.19 0.63 -5.90
C ALA A 123 21.01 -0.20 -6.40
N LEU A 124 19.80 0.02 -5.89
CA LEU A 124 18.69 -0.96 -6.08
C LEU A 124 17.72 -0.49 -7.18
N ALA A 125 17.88 0.72 -7.66
CA ALA A 125 16.79 1.47 -8.31
C ALA A 125 16.95 1.38 -9.81
N ARG A 126 15.86 1.12 -10.52
CA ARG A 126 15.83 1.39 -11.97
C ARG A 126 16.14 2.87 -12.19
N ALA A 127 15.75 3.76 -11.29
CA ALA A 127 15.96 5.23 -11.47
C ALA A 127 17.45 5.55 -11.79
N SER A 128 18.39 4.86 -11.18
CA SER A 128 19.84 5.09 -11.38
C SER A 128 20.40 4.08 -12.39
N ARG A 129 19.50 3.26 -12.92
CA ARG A 129 19.83 2.03 -13.69
C ARG A 129 20.85 1.24 -12.88
N TRP A 130 20.61 1.01 -11.59
CA TRP A 130 21.40 0.17 -10.66
C TRP A 130 22.86 0.70 -10.65
N ASN A 131 22.98 2.02 -10.56
CA ASN A 131 24.23 2.82 -10.54
C ASN A 131 24.97 2.80 -11.88
N ASN A 132 24.32 2.39 -12.96
CA ASN A 132 24.91 2.53 -14.31
C ASN A 132 24.86 4.00 -14.74
N ILE A 133 23.96 4.80 -14.15
CA ILE A 133 24.01 6.28 -14.19
C ILE A 133 24.92 6.71 -13.02
N SER A 134 26.20 6.98 -13.27
CA SER A 134 27.24 7.00 -12.19
C SER A 134 27.08 8.23 -11.28
N ASP A 135 26.48 9.32 -11.75
CA ASP A 135 26.41 10.55 -10.93
C ASP A 135 24.94 10.74 -10.49
N TYR A 136 24.14 9.67 -10.49
CA TYR A 136 22.66 9.76 -10.28
C TYR A 136 22.37 10.60 -9.02
N LEU A 137 23.01 10.32 -7.87
CA LEU A 137 22.66 11.00 -6.60
C LEU A 137 22.96 12.51 -6.69
N GLN A 138 23.82 12.93 -7.61
CA GLN A 138 24.07 14.38 -7.88
C GLN A 138 23.08 14.97 -8.90
N THR A 139 22.64 14.23 -9.91
CA THR A 139 21.89 14.73 -11.10
C THR A 139 20.38 14.46 -10.98
N ALA A 140 19.92 13.65 -10.03
CA ALA A 140 18.53 13.14 -9.98
C ALA A 140 17.53 14.31 -9.87
N ASP A 141 17.72 15.15 -8.85
CA ASP A 141 16.70 16.17 -8.43
C ASP A 141 16.37 16.98 -9.70
N GLU A 142 17.34 17.31 -10.55
CA GLU A 142 17.15 18.20 -11.73
C GLU A 142 16.13 17.64 -12.73
N GLN A 143 16.08 16.33 -12.94
CA GLN A 143 15.14 15.71 -13.92
C GLN A 143 13.83 15.24 -13.28
N ILE A 144 13.57 15.56 -12.02
CA ILE A 144 12.29 15.21 -11.33
C ILE A 144 11.33 16.42 -11.49
N CYS A 145 10.10 16.13 -11.88
CA CYS A 145 9.02 17.15 -12.09
C CYS A 145 7.87 16.84 -11.13
N LEU A 146 7.47 17.81 -10.30
CA LEU A 146 6.35 17.66 -9.34
C LEU A 146 5.13 18.47 -9.79
N LEU A 147 4.06 17.75 -10.07
CA LEU A 147 2.76 18.35 -10.43
C LEU A 147 1.83 18.04 -9.26
N VAL A 148 0.98 18.99 -8.88
CA VAL A 148 -0.03 18.75 -7.83
C VAL A 148 -1.41 19.03 -8.39
N GLN A 149 -2.42 18.33 -7.87
CA GLN A 149 -3.80 18.52 -8.34
C GLN A 149 -4.54 19.40 -7.35
N VAL A 150 -5.21 20.42 -7.87
CA VAL A 150 -6.20 21.20 -7.08
C VAL A 150 -7.59 20.75 -7.52
N GLU A 151 -8.33 20.14 -6.61
CA GLU A 151 -9.61 19.49 -6.99
C GLU A 151 -10.61 19.46 -5.83
N SER A 152 -10.47 20.37 -4.87
CA SER A 152 -11.37 20.56 -3.71
C SER A 152 -11.55 22.07 -3.44
N LYS A 153 -12.60 22.43 -2.73
CA LYS A 153 -12.76 23.83 -2.26
C LYS A 153 -11.57 24.24 -1.42
N LYS A 154 -11.10 23.35 -0.55
CA LYS A 154 -9.94 23.70 0.29
C LYS A 154 -8.71 24.01 -0.58
N GLY A 155 -8.43 23.21 -1.60
CA GLY A 155 -7.35 23.52 -2.55
C GLY A 155 -7.54 24.90 -3.16
N LEU A 156 -8.72 25.21 -3.70
CA LEU A 156 -8.97 26.56 -4.28
C LEU A 156 -8.79 27.64 -3.20
N ASP A 157 -9.12 27.32 -1.96
CA ASP A 157 -9.01 28.29 -0.83
C ASP A 157 -7.55 28.54 -0.50
N ASN A 158 -6.64 27.71 -1.03
CA ASN A 158 -5.20 27.77 -0.72
C ASN A 158 -4.39 27.90 -2.01
N LEU A 159 -5.03 28.23 -3.13
CA LEU A 159 -4.38 28.28 -4.47
C LEU A 159 -3.19 29.24 -4.48
N ASP A 160 -3.34 30.48 -3.98
CA ASP A 160 -2.23 31.47 -4.06
C ASP A 160 -1.03 30.95 -3.26
N GLU A 161 -1.31 30.31 -2.13
CA GLU A 161 -0.28 29.75 -1.23
C GLU A 161 0.40 28.60 -1.96
N ILE A 162 -0.37 27.70 -2.56
CA ILE A 162 0.25 26.55 -3.27
C ILE A 162 1.11 27.11 -4.40
N LEU A 163 0.64 28.14 -5.10
CA LEU A 163 1.33 28.67 -6.30
C LEU A 163 2.61 29.39 -5.90
N ASN A 164 2.77 29.70 -4.61
CA ASN A 164 4.03 30.31 -4.14
C ASN A 164 5.05 29.26 -3.68
N VAL A 165 4.75 27.97 -3.79
CA VAL A 165 5.67 26.90 -3.30
C VAL A 165 6.72 26.67 -4.39
N ASP A 166 7.97 27.00 -4.07
CA ASP A 166 9.12 26.64 -4.93
C ASP A 166 9.21 25.12 -4.99
N GLY A 167 9.22 24.62 -6.20
CA GLY A 167 9.41 23.18 -6.43
C GLY A 167 8.12 22.56 -6.93
N VAL A 168 6.97 23.22 -6.79
CA VAL A 168 5.76 22.81 -7.57
C VAL A 168 5.95 23.28 -9.02
N ASP A 169 6.10 22.35 -9.99
CA ASP A 169 6.35 22.74 -11.40
C ASP A 169 5.01 23.06 -12.09
N GLY A 170 3.91 22.51 -11.60
CA GLY A 170 2.62 22.56 -12.31
C GLY A 170 1.49 22.22 -11.39
N ILE A 171 0.36 22.85 -11.64
CA ILE A 171 -0.93 22.53 -11.00
C ILE A 171 -1.88 22.03 -12.06
N PHE A 172 -2.42 20.85 -11.80
CA PHE A 172 -3.37 20.18 -12.69
C PHE A 172 -4.73 20.32 -12.03
N ILE A 173 -5.72 20.66 -12.84
CA ILE A 173 -7.14 20.78 -12.39
C ILE A 173 -7.89 19.55 -12.83
N GLY A 174 -8.50 18.85 -11.89
CA GLY A 174 -9.31 17.64 -12.19
C GLY A 174 -10.78 18.01 -12.19
N PRO A 175 -11.43 18.16 -13.36
CA PRO A 175 -12.79 18.66 -13.40
C PRO A 175 -13.77 17.69 -12.68
N ALA A 176 -13.51 16.38 -12.69
CA ALA A 176 -14.41 15.44 -12.02
C ALA A 176 -14.42 15.71 -10.53
N ASP A 177 -13.28 15.67 -9.84
CA ASP A 177 -13.30 15.86 -8.38
C ASP A 177 -13.82 17.28 -8.11
N LEU A 178 -13.44 18.25 -8.94
CA LEU A 178 -13.71 19.68 -8.62
C LEU A 178 -15.22 19.96 -8.78
N SER A 179 -15.82 19.55 -9.91
CA SER A 179 -17.27 19.68 -10.20
C SER A 179 -18.06 19.01 -9.06
N ALA A 180 -17.64 17.83 -8.60
CA ALA A 180 -18.28 17.12 -7.45
C ALA A 180 -18.11 17.96 -6.18
N ALA A 181 -16.92 18.48 -5.91
CA ALA A 181 -16.66 19.27 -4.68
C ALA A 181 -17.58 20.50 -4.67
N LEU A 182 -17.84 21.07 -5.84
CA LEU A 182 -18.63 22.31 -6.02
C LEU A 182 -20.14 22.01 -6.01
N GLY A 183 -20.55 20.75 -5.86
CA GLY A 183 -21.96 20.30 -5.84
C GLY A 183 -22.57 20.15 -7.22
N TYR A 184 -21.75 19.93 -8.25
CA TYR A 184 -22.17 19.64 -9.65
C TYR A 184 -21.56 18.32 -10.09
N ARG A 185 -21.74 17.30 -9.26
CA ARG A 185 -21.13 15.97 -9.49
C ARG A 185 -21.63 15.43 -10.83
N GLY A 186 -20.72 15.06 -11.73
CA GLY A 186 -21.05 14.50 -13.05
C GLY A 186 -21.39 15.57 -14.07
N ASN A 187 -21.31 16.86 -13.71
CA ASN A 187 -21.66 17.98 -14.64
C ASN A 187 -20.63 19.11 -14.52
N PRO A 188 -19.36 18.82 -14.88
CA PRO A 188 -18.31 19.84 -14.92
C PRO A 188 -18.52 20.90 -16.00
N GLY A 189 -19.37 20.62 -17.02
CA GLY A 189 -19.73 21.50 -18.14
C GLY A 189 -20.47 22.78 -17.69
N HIS A 190 -21.04 22.82 -16.50
CA HIS A 190 -21.78 23.98 -15.94
C HIS A 190 -20.91 25.24 -15.89
N GLU A 191 -21.46 26.36 -16.34
CA GLU A 191 -20.83 27.70 -16.30
C GLU A 191 -20.20 28.00 -14.93
N PHE A 192 -20.85 27.70 -13.82
CA PHE A 192 -20.32 28.02 -12.46
C PHE A 192 -18.95 27.32 -12.32
N VAL A 193 -18.90 26.05 -12.73
CA VAL A 193 -17.65 25.24 -12.69
C VAL A 193 -16.65 25.82 -13.71
N GLN A 194 -17.06 25.98 -14.96
CA GLN A 194 -16.12 26.42 -16.03
C GLN A 194 -15.47 27.77 -15.66
N ASN A 195 -16.22 28.71 -15.11
CA ASN A 195 -15.65 30.06 -14.83
C ASN A 195 -14.57 29.86 -13.78
N ILE A 196 -14.82 28.98 -12.81
CA ILE A 196 -13.80 28.73 -11.74
C ILE A 196 -12.56 28.07 -12.39
N ILE A 197 -12.76 27.13 -13.29
CA ILE A 197 -11.60 26.47 -13.96
C ILE A 197 -10.76 27.51 -14.71
N VAL A 198 -11.39 28.41 -15.46
CA VAL A 198 -10.68 29.41 -16.34
C VAL A 198 -9.86 30.35 -15.47
N GLN A 199 -10.48 30.90 -14.42
CA GLN A 199 -9.83 31.82 -13.47
C GLN A 199 -8.62 31.12 -12.83
N THR A 200 -8.80 29.85 -12.44
CA THR A 200 -7.76 28.99 -11.81
C THR A 200 -6.59 28.83 -12.78
N ILE A 201 -6.86 28.47 -14.04
CA ILE A 201 -5.78 28.36 -15.07
C ILE A 201 -5.06 29.72 -15.16
N GLN A 202 -5.81 30.83 -15.27
CA GLN A 202 -5.18 32.17 -15.43
C GLN A 202 -4.25 32.48 -14.24
N LYS A 203 -4.66 32.16 -13.03
CA LYS A 203 -3.88 32.39 -11.81
C LYS A 203 -2.63 31.53 -11.80
N ILE A 204 -2.77 30.25 -12.17
CA ILE A 204 -1.63 29.30 -12.26
C ILE A 204 -0.57 29.92 -13.18
N ARG A 205 -0.96 30.28 -14.39
CA ARG A 205 0.01 30.77 -15.40
C ARG A 205 0.58 32.13 -14.94
N ALA A 206 -0.22 32.99 -14.31
CA ALA A 206 0.21 34.31 -13.84
C ALA A 206 1.30 34.12 -12.78
N ALA A 207 1.28 33.03 -11.99
CA ALA A 207 2.29 32.78 -10.94
C ALA A 207 3.52 32.07 -11.52
N GLY A 208 3.61 31.90 -12.83
CA GLY A 208 4.77 31.30 -13.52
C GLY A 208 4.75 29.79 -13.46
N LYS A 209 3.66 29.15 -13.08
CA LYS A 209 3.63 27.67 -13.05
C LYS A 209 2.93 27.18 -14.31
N ALA A 210 3.18 25.92 -14.67
CA ALA A 210 2.43 25.21 -15.73
C ALA A 210 1.03 24.84 -15.21
N ALA A 211 0.02 25.05 -16.04
CA ALA A 211 -1.37 24.62 -15.76
C ALA A 211 -1.63 23.37 -16.57
N GLY A 212 -2.42 22.48 -16.01
CA GLY A 212 -2.84 21.27 -16.72
C GLY A 212 -4.26 20.90 -16.42
N ILE A 213 -4.82 20.09 -17.29
CA ILE A 213 -6.24 19.68 -17.17
C ILE A 213 -6.45 18.46 -18.05
N LEU A 214 -7.53 17.75 -17.78
CA LEU A 214 -8.06 16.66 -18.64
C LEU A 214 -9.45 17.05 -19.10
N SER A 215 -9.70 16.94 -20.39
CA SER A 215 -11.09 16.92 -20.90
C SER A 215 -11.15 16.02 -22.12
N ALA A 216 -12.06 15.06 -22.08
CA ALA A 216 -12.45 14.20 -23.22
C ALA A 216 -13.37 14.96 -24.18
N ASP A 217 -13.91 16.09 -23.75
CA ASP A 217 -14.68 17.02 -24.64
C ASP A 217 -13.69 17.81 -25.49
N GLU A 218 -13.73 17.58 -26.80
CA GLU A 218 -12.80 18.22 -27.76
C GLU A 218 -12.93 19.74 -27.69
N LYS A 219 -14.15 20.26 -27.59
CA LYS A 219 -14.32 21.74 -27.60
C LYS A 219 -13.69 22.30 -26.32
N LEU A 220 -13.92 21.69 -25.16
CA LEU A 220 -13.36 22.21 -23.88
C LEU A 220 -11.83 22.11 -23.95
N ALA A 221 -11.30 21.00 -24.45
CA ALA A 221 -9.84 20.79 -24.58
C ALA A 221 -9.24 21.88 -25.46
N LYS A 222 -9.80 22.13 -26.64
CA LYS A 222 -9.23 23.21 -27.51
C LYS A 222 -9.39 24.59 -26.84
N GLN A 223 -10.45 24.79 -26.06
CA GLN A 223 -10.63 26.07 -25.31
C GLN A 223 -9.48 26.18 -24.31
N TYR A 224 -9.17 25.13 -23.56
CA TYR A 224 -8.09 25.21 -22.53
C TYR A 224 -6.75 25.45 -23.22
N LEU A 225 -6.49 24.78 -24.34
CA LEU A 225 -5.28 25.01 -25.16
C LEU A 225 -5.23 26.47 -25.66
N GLU A 226 -6.35 27.10 -26.04
CA GLU A 226 -6.31 28.54 -26.47
C GLU A 226 -5.94 29.45 -25.29
N LEU A 227 -6.27 29.07 -24.05
CA LEU A 227 -5.90 29.86 -22.84
C LEU A 227 -4.40 29.73 -22.53
N GLY A 228 -3.67 28.79 -23.12
CA GLY A 228 -2.23 28.61 -22.93
C GLY A 228 -1.90 27.45 -22.00
N THR A 229 -2.90 26.67 -21.61
CA THR A 229 -2.72 25.54 -20.69
C THR A 229 -1.58 24.67 -21.25
N GLU A 230 -0.58 24.41 -20.43
CA GLU A 230 0.70 23.81 -20.83
C GLU A 230 0.58 22.27 -21.01
N PHE A 231 -0.22 21.57 -20.21
CA PHE A 231 -0.32 20.09 -20.31
C PHE A 231 -1.80 19.70 -20.27
N VAL A 232 -2.31 19.30 -21.43
CA VAL A 232 -3.75 18.95 -21.62
C VAL A 232 -3.86 17.49 -22.03
N ALA A 233 -4.52 16.69 -21.19
CA ALA A 233 -4.88 15.29 -21.50
C ALA A 233 -6.24 15.37 -22.22
N VAL A 234 -6.38 14.69 -23.35
CA VAL A 234 -7.54 14.86 -24.28
C VAL A 234 -8.40 13.58 -24.34
N GLY A 235 -7.97 12.51 -23.69
CA GLY A 235 -8.83 11.32 -23.48
C GLY A 235 -8.21 10.29 -22.53
N VAL A 236 -8.90 9.17 -22.42
CA VAL A 236 -8.68 8.08 -21.44
C VAL A 236 -8.79 6.77 -22.22
N ASP A 237 -7.79 5.92 -22.10
CA ASP A 237 -7.73 4.64 -22.84
C ASP A 237 -8.96 3.79 -22.52
N THR A 238 -9.35 3.63 -21.25
CA THR A 238 -10.52 2.80 -20.95
C THR A 238 -11.77 3.35 -21.66
N SER A 239 -11.96 4.68 -21.63
CA SER A 239 -13.13 5.32 -22.31
C SER A 239 -13.07 5.12 -23.83
N LEU A 240 -11.93 5.34 -24.46
CA LEU A 240 -11.79 5.15 -25.93
C LEU A 240 -12.05 3.70 -26.31
N LEU A 241 -11.54 2.75 -25.55
CA LEU A 241 -11.81 1.33 -25.82
C LEU A 241 -13.32 1.10 -25.74
N MET A 242 -13.97 1.48 -24.66
CA MET A 242 -15.39 1.15 -24.45
C MET A 242 -16.18 1.86 -25.55
N LYS A 243 -15.88 3.14 -25.83
CA LYS A 243 -16.71 3.93 -26.79
C LYS A 243 -16.54 3.35 -28.20
N SER A 244 -15.33 2.98 -28.60
CA SER A 244 -15.06 2.48 -29.97
C SER A 244 -15.80 1.15 -30.17
N MET A 245 -15.85 0.29 -29.15
CA MET A 245 -16.53 -1.02 -29.23
C MET A 245 -18.03 -0.79 -29.24
N LYS A 246 -18.53 0.18 -28.46
CA LYS A 246 -19.99 0.44 -28.45
C LYS A 246 -20.45 0.98 -29.81
N GLN A 247 -19.72 1.93 -30.36
CA GLN A 247 -20.05 2.59 -31.64
C GLN A 247 -20.04 1.56 -32.77
N LEU A 248 -19.05 0.67 -32.75
CA LEU A 248 -19.00 -0.39 -33.77
C LEU A 248 -20.23 -1.29 -33.64
N LEU A 249 -20.57 -1.75 -32.43
CA LEU A 249 -21.69 -2.69 -32.30
C LEU A 249 -22.97 -2.03 -32.82
N SER A 250 -23.17 -0.76 -32.49
CA SER A 250 -24.36 0.05 -32.85
C SER A 250 -24.58 0.03 -34.38
N LYS A 251 -23.56 -0.16 -35.20
CA LYS A 251 -23.71 -0.21 -36.68
C LYS A 251 -24.38 -1.52 -37.12
N PHE A 252 -24.46 -2.50 -36.23
CA PHE A 252 -24.96 -3.86 -36.51
C PHE A 252 -26.09 -4.30 -35.57
N LYS A 253 -26.45 -3.48 -34.57
CA LYS A 253 -26.96 -3.82 -33.19
C LYS A 253 -27.31 -5.31 -33.08
N MET B 1 3.38 -29.47 14.70
CA MET B 1 4.47 -28.60 14.22
C MET B 1 4.73 -27.52 15.29
N VAL B 2 6.00 -27.33 15.69
CA VAL B 2 6.40 -26.18 16.56
C VAL B 2 6.66 -24.99 15.62
N ASN B 3 6.53 -23.77 16.17
CA ASN B 3 6.83 -22.48 15.47
C ASN B 3 8.25 -22.59 14.89
N THR B 4 8.49 -22.01 13.70
CA THR B 4 9.84 -21.91 13.08
C THR B 4 10.81 -21.17 14.03
N VAL B 5 11.97 -21.74 14.36
CA VAL B 5 12.86 -21.06 15.32
C VAL B 5 13.54 -19.93 14.53
N ASN B 6 13.59 -18.73 15.10
CA ASN B 6 14.27 -17.59 14.45
C ASN B 6 15.74 -17.66 14.88
N TYR B 7 16.55 -18.38 14.10
CA TYR B 7 17.99 -18.59 14.36
C TYR B 7 18.71 -17.26 14.19
N PHE B 8 18.21 -16.37 13.32
CA PHE B 8 18.80 -15.03 13.13
C PHE B 8 18.77 -14.31 14.47
N LYS B 9 17.60 -14.31 15.10
CA LYS B 9 17.42 -13.64 16.41
C LYS B 9 18.42 -14.22 17.43
N GLN B 10 18.47 -15.55 17.57
CA GLN B 10 19.35 -16.23 18.56
C GLN B 10 20.81 -15.89 18.27
N LYS B 11 21.19 -15.89 16.98
CA LYS B 11 22.59 -15.68 16.57
C LYS B 11 23.02 -14.23 16.79
N LEU B 12 22.10 -13.31 17.04
CA LEU B 12 22.48 -11.92 17.41
C LEU B 12 23.33 -11.92 18.69
N LYS B 13 23.20 -12.92 19.55
CA LYS B 13 23.95 -12.97 20.84
C LYS B 13 25.15 -13.93 20.76
N THR B 14 25.36 -14.67 19.67
CA THR B 14 26.35 -15.77 19.65
C THR B 14 27.33 -15.68 18.48
N GLU B 15 27.07 -14.89 17.45
CA GLU B 15 28.00 -14.86 16.30
C GLU B 15 27.76 -13.61 15.44
N GLN B 16 28.58 -13.49 14.42
CA GLN B 16 28.50 -12.38 13.46
C GLN B 16 27.94 -12.96 12.17
N GLN B 17 26.80 -12.46 11.75
CA GLN B 17 25.97 -13.05 10.66
C GLN B 17 26.23 -12.25 9.38
N ILE B 18 26.67 -12.91 8.32
CA ILE B 18 26.98 -12.27 6.99
C ILE B 18 25.70 -12.31 6.13
N GLY B 19 25.37 -11.16 5.54
CA GLY B 19 24.08 -10.91 4.87
C GLY B 19 24.26 -10.55 3.44
N MET B 20 23.20 -10.79 2.65
CA MET B 20 23.12 -10.39 1.23
C MET B 20 21.80 -9.64 1.05
N TRP B 21 21.85 -8.49 0.40
CA TRP B 21 20.65 -7.69 0.06
C TRP B 21 19.96 -8.30 -1.16
N VAL B 22 18.66 -8.53 -1.06
CA VAL B 22 17.85 -9.17 -2.14
C VAL B 22 16.87 -8.11 -2.66
N GLY B 23 17.23 -7.46 -3.77
CA GLY B 23 16.39 -6.45 -4.42
C GLY B 23 15.94 -6.86 -5.80
N LEU B 24 16.16 -8.10 -6.22
CA LEU B 24 15.71 -8.54 -7.57
C LEU B 24 14.21 -8.85 -7.55
N ALA B 25 13.56 -8.92 -6.39
CA ALA B 25 12.10 -8.79 -6.22
C ALA B 25 11.34 -9.92 -6.93
N ASP B 26 11.85 -11.12 -6.83
CA ASP B 26 11.44 -12.25 -7.67
C ASP B 26 11.70 -13.54 -6.87
N GLY B 27 10.74 -14.45 -6.75
CA GLY B 27 10.93 -15.75 -6.06
C GLY B 27 12.05 -16.60 -6.66
N TYR B 28 12.27 -16.52 -7.97
CA TYR B 28 13.30 -17.33 -8.67
C TYR B 28 14.70 -16.76 -8.31
N CYS B 29 14.92 -15.45 -8.51
CA CYS B 29 16.15 -14.78 -8.02
C CYS B 29 16.41 -14.99 -6.52
N ALA B 30 15.39 -14.93 -5.68
CA ALA B 30 15.58 -15.11 -4.21
C ALA B 30 16.14 -16.52 -3.96
N GLU B 31 15.59 -17.51 -4.65
CA GLU B 31 16.07 -18.90 -4.50
C GLU B 31 17.56 -19.00 -4.90
N ILE B 32 18.02 -18.33 -5.96
CA ILE B 32 19.43 -18.40 -6.36
C ILE B 32 20.27 -17.89 -5.19
N ALA B 33 19.87 -16.76 -4.61
CA ALA B 33 20.60 -16.17 -3.48
C ALA B 33 20.58 -17.15 -2.30
N ALA B 34 19.46 -17.83 -2.07
CA ALA B 34 19.25 -18.75 -0.92
C ALA B 34 20.25 -19.91 -1.01
N ASN B 35 20.74 -20.27 -2.20
CA ASN B 35 21.64 -21.44 -2.37
C ASN B 35 23.06 -21.11 -1.95
N VAL B 36 23.40 -19.84 -1.74
CA VAL B 36 24.82 -19.44 -1.69
C VAL B 36 25.36 -19.78 -0.30
N GLY B 37 24.60 -19.54 0.76
CA GLY B 37 25.00 -19.85 2.13
C GLY B 37 25.17 -18.62 3.01
N TYR B 38 24.55 -17.49 2.67
CA TYR B 38 24.52 -16.30 3.55
C TYR B 38 23.77 -16.65 4.84
N ASP B 39 24.19 -16.08 5.96
CA ASP B 39 23.49 -16.23 7.24
C ASP B 39 22.08 -15.60 7.11
N TRP B 40 21.98 -14.48 6.40
CA TRP B 40 20.69 -13.77 6.24
C TRP B 40 20.57 -13.17 4.86
N LEU B 41 19.32 -13.02 4.46
CA LEU B 41 18.93 -12.41 3.18
C LEU B 41 17.92 -11.32 3.51
N LEU B 42 18.18 -10.12 3.05
CA LEU B 42 17.33 -8.93 3.29
C LEU B 42 16.42 -8.77 2.07
N ILE B 43 15.14 -9.07 2.25
CA ILE B 43 14.14 -8.91 1.17
C ILE B 43 13.70 -7.47 1.28
N ASP B 44 14.11 -6.65 0.30
CA ASP B 44 13.96 -5.18 0.40
C ASP B 44 12.60 -4.71 -0.14
N GLY B 45 11.69 -4.35 0.78
CA GLY B 45 10.36 -3.82 0.42
C GLY B 45 10.34 -2.30 0.43
N GLU B 46 11.49 -1.68 0.67
CA GLU B 46 11.63 -0.20 0.68
C GLU B 46 12.18 0.30 -0.66
N HIS B 47 13.22 -0.32 -1.19
CA HIS B 47 14.02 0.25 -2.30
C HIS B 47 14.03 -0.74 -3.47
N ALA B 48 13.34 -1.87 -3.36
CA ALA B 48 13.12 -2.76 -4.53
C ALA B 48 11.63 -2.85 -4.79
N PRO B 49 11.19 -3.16 -6.04
CA PRO B 49 9.76 -3.15 -6.41
C PRO B 49 9.00 -4.40 -5.92
N ASN B 50 8.87 -4.46 -4.60
CA ASN B 50 8.20 -5.57 -3.91
C ASN B 50 6.86 -5.10 -3.34
N ASP B 51 5.97 -6.04 -3.11
CA ASP B 51 4.71 -5.83 -2.38
C ASP B 51 4.54 -7.07 -1.50
N VAL B 52 3.50 -7.13 -0.69
CA VAL B 52 3.26 -8.31 0.18
C VAL B 52 3.33 -9.59 -0.65
N ARG B 53 2.69 -9.64 -1.80
CA ARG B 53 2.60 -10.91 -2.56
C ARG B 53 3.98 -11.31 -3.09
N SER B 54 4.80 -10.39 -3.60
CA SER B 54 6.14 -10.75 -4.14
C SER B 54 7.08 -11.10 -2.97
N ILE B 55 6.90 -10.50 -1.79
CA ILE B 55 7.71 -10.86 -0.58
C ILE B 55 7.33 -12.28 -0.14
N LEU B 56 6.03 -12.61 -0.17
CA LEU B 56 5.58 -13.98 0.18
C LEU B 56 6.28 -15.00 -0.71
N ALA B 57 6.29 -14.77 -2.02
CA ALA B 57 6.88 -15.72 -2.99
C ALA B 57 8.37 -15.92 -2.64
N GLN B 58 9.05 -14.85 -2.22
CA GLN B 58 10.49 -14.92 -1.86
C GLN B 58 10.68 -15.66 -0.54
N LEU B 59 9.87 -15.41 0.49
CA LEU B 59 9.85 -16.24 1.73
C LEU B 59 9.68 -17.72 1.40
N GLN B 60 8.77 -18.09 0.50
CA GLN B 60 8.49 -19.50 0.14
C GLN B 60 9.72 -20.12 -0.53
N SER B 61 10.36 -19.38 -1.43
CA SER B 61 11.60 -19.83 -2.11
C SER B 61 12.69 -20.15 -1.07
N ILE B 62 12.96 -19.15 -0.23
CA ILE B 62 14.09 -19.13 0.74
C ILE B 62 13.89 -20.16 1.84
N ALA B 63 12.63 -20.49 2.16
CA ALA B 63 12.26 -21.36 3.29
C ALA B 63 12.90 -22.74 3.20
N ALA B 64 13.23 -23.28 2.03
CA ALA B 64 13.85 -24.62 1.91
C ALA B 64 15.33 -24.58 2.29
N TYR B 65 15.89 -23.42 2.62
CA TYR B 65 17.36 -23.21 2.67
C TYR B 65 17.68 -22.65 4.04
N PRO B 66 18.90 -22.90 4.55
CA PRO B 66 19.26 -22.42 5.89
C PRO B 66 19.24 -20.90 6.09
N SER B 67 19.44 -20.12 5.02
CA SER B 67 19.55 -18.65 5.11
C SER B 67 18.30 -18.09 5.79
N GLN B 68 18.47 -17.19 6.74
CA GLN B 68 17.36 -16.55 7.46
C GLN B 68 16.83 -15.34 6.66
N ALA B 69 15.51 -15.20 6.54
CA ALA B 69 14.92 -14.05 5.83
C ALA B 69 14.65 -12.93 6.85
N VAL B 70 15.10 -11.76 6.46
CA VAL B 70 14.75 -10.46 7.07
C VAL B 70 14.02 -9.63 6.01
N VAL B 71 12.95 -8.99 6.43
CA VAL B 71 12.13 -8.15 5.50
C VAL B 71 12.21 -6.69 5.93
N ARG B 72 12.53 -5.84 4.97
CA ARG B 72 12.44 -4.38 5.20
C ARG B 72 11.14 -3.86 4.60
N PRO B 73 10.16 -3.43 5.41
CA PRO B 73 8.96 -2.80 4.83
C PRO B 73 9.30 -1.38 4.31
N VAL B 74 8.45 -0.80 3.48
CA VAL B 74 8.68 0.54 2.86
C VAL B 74 8.76 1.62 3.96
N SER B 75 8.09 1.43 5.11
CA SER B 75 8.11 2.37 6.24
C SER B 75 7.56 1.66 7.48
N GLY B 76 7.62 2.31 8.64
CA GLY B 76 7.09 1.71 9.87
C GLY B 76 5.60 1.86 9.96
N ASP B 77 4.91 1.28 9.01
CA ASP B 77 3.45 1.35 8.85
C ASP B 77 2.88 0.15 9.63
N VAL B 78 2.08 0.40 10.64
CA VAL B 78 1.57 -0.69 11.54
C VAL B 78 0.79 -1.74 10.73
N PRO B 79 -0.18 -1.39 9.85
CA PRO B 79 -0.94 -2.38 9.08
C PRO B 79 -0.03 -3.24 8.19
N LEU B 80 0.98 -2.63 7.56
CA LEU B 80 1.91 -3.34 6.64
C LEU B 80 2.76 -4.32 7.43
N ILE B 81 3.20 -3.92 8.62
CA ILE B 81 3.95 -4.80 9.56
C ILE B 81 3.08 -6.02 9.89
N LYS B 82 1.82 -5.80 10.22
CA LYS B 82 0.80 -6.87 10.42
C LYS B 82 0.77 -7.80 9.20
N GLN B 83 0.70 -7.26 7.98
CA GLN B 83 0.67 -8.13 6.79
C GLN B 83 1.94 -8.96 6.63
N LEU B 84 3.12 -8.37 6.75
CA LEU B 84 4.42 -9.12 6.62
C LEU B 84 4.57 -10.17 7.72
N LEU B 85 4.17 -9.87 8.95
CA LEU B 85 4.23 -10.91 10.02
C LEU B 85 3.28 -12.09 9.64
N ASP B 86 2.10 -11.81 9.11
CA ASP B 86 1.14 -12.92 8.84
C ASP B 86 1.64 -13.81 7.69
N ILE B 87 2.41 -13.28 6.73
CA ILE B 87 2.91 -14.12 5.60
C ILE B 87 4.15 -14.87 6.10
N GLY B 88 4.58 -14.52 7.29
CA GLY B 88 5.55 -15.36 8.01
C GLY B 88 6.96 -14.80 8.08
N ALA B 89 7.15 -13.51 7.80
CA ALA B 89 8.45 -12.83 8.01
C ALA B 89 8.70 -12.79 9.52
N GLN B 90 9.77 -13.38 10.00
CA GLN B 90 9.99 -13.42 11.47
C GLN B 90 10.95 -12.34 11.94
N THR B 91 11.66 -11.70 11.03
CA THR B 91 12.60 -10.59 11.38
C THR B 91 12.28 -9.41 10.49
N LEU B 92 12.00 -8.26 11.09
CA LEU B 92 11.72 -7.02 10.33
C LEU B 92 12.80 -5.96 10.59
N LEU B 93 13.14 -5.25 9.53
CA LEU B 93 14.08 -4.10 9.56
C LEU B 93 13.28 -2.86 9.22
N ILE B 94 12.98 -2.02 10.22
CA ILE B 94 12.13 -0.83 10.01
C ILE B 94 13.00 0.34 9.58
N PRO B 95 12.74 0.96 8.39
CA PRO B 95 13.49 2.13 7.99
C PRO B 95 13.11 3.39 8.79
N MET B 96 14.07 4.29 8.85
CA MET B 96 13.91 5.72 9.22
C MET B 96 13.24 5.84 10.58
N VAL B 97 13.72 5.10 11.58
CA VAL B 97 13.25 5.22 12.98
C VAL B 97 14.01 6.38 13.63
N GLU B 98 13.27 7.32 14.22
CA GLU B 98 13.81 8.65 14.62
C GLU B 98 13.49 8.98 16.07
N SER B 99 12.77 8.15 16.82
CA SER B 99 12.44 8.44 18.25
C SER B 99 12.18 7.12 18.98
N ALA B 100 12.33 7.18 20.31
CA ALA B 100 11.92 6.10 21.24
C ALA B 100 10.42 5.87 21.08
N GLU B 101 9.61 6.91 20.92
CA GLU B 101 8.13 6.78 20.79
C GLU B 101 7.82 5.94 19.53
N GLN B 102 8.49 6.21 18.42
CA GLN B 102 8.29 5.45 17.18
C GLN B 102 8.80 4.03 17.38
N ALA B 103 9.95 3.85 18.02
CA ALA B 103 10.51 2.50 18.23
C ALA B 103 9.57 1.67 19.10
N GLU B 104 8.97 2.27 20.10
CA GLU B 104 8.04 1.57 21.01
C GLU B 104 6.81 1.14 20.22
N LEU B 105 6.34 1.99 19.30
CA LEU B 105 5.17 1.69 18.47
C LEU B 105 5.51 0.48 17.56
N MET B 106 6.73 0.41 17.01
CA MET B 106 7.21 -0.71 16.19
C MET B 106 7.25 -1.98 17.04
N VAL B 107 7.68 -1.90 18.29
CA VAL B 107 7.66 -3.06 19.22
C VAL B 107 6.23 -3.59 19.33
N LYS B 108 5.28 -2.71 19.60
CA LYS B 108 3.87 -3.12 19.82
C LYS B 108 3.33 -3.71 18.53
N ALA B 109 3.74 -3.13 17.40
CA ALA B 109 3.20 -3.53 16.08
C ALA B 109 3.53 -5.02 15.85
N THR B 110 4.58 -5.53 16.53
CA THR B 110 5.10 -6.91 16.34
C THR B 110 4.54 -7.90 17.36
N ARG B 111 3.79 -7.42 18.34
CA ARG B 111 3.33 -8.27 19.46
C ARG B 111 1.80 -8.30 19.51
N TYR B 112 1.25 -9.47 19.78
CA TYR B 112 -0.22 -9.61 19.93
C TYR B 112 -0.71 -8.86 21.15
N PRO B 113 -1.99 -8.44 21.13
CA PRO B 113 -2.66 -7.94 22.31
C PRO B 113 -2.69 -9.06 23.35
N PRO B 114 -2.76 -8.72 24.64
CA PRO B 114 -2.97 -7.33 25.09
C PRO B 114 -1.70 -6.47 25.21
N GLU B 115 -0.49 -7.05 25.10
CA GLU B 115 0.79 -6.32 25.28
C GLU B 115 1.11 -5.51 24.03
N GLY B 116 0.73 -5.97 22.84
CA GLY B 116 0.95 -5.21 21.60
C GLY B 116 -0.31 -4.96 20.81
N ILE B 117 -0.15 -4.58 19.56
CA ILE B 117 -1.28 -4.17 18.69
C ILE B 117 -1.24 -4.95 17.38
N ARG B 118 -0.48 -6.03 17.28
CA ARG B 118 -0.50 -6.92 16.09
C ARG B 118 -1.90 -7.53 15.93
N GLY B 119 -2.55 -7.27 14.79
CA GLY B 119 -3.86 -7.89 14.50
C GLY B 119 -3.80 -9.41 14.48
N VAL B 120 -4.85 -10.04 15.00
CA VAL B 120 -4.96 -11.50 15.17
C VAL B 120 -5.69 -12.09 13.97
N GLY B 121 -5.03 -12.98 13.23
CA GLY B 121 -5.56 -13.66 12.04
C GLY B 121 -4.83 -14.95 11.77
N ALA B 122 -4.72 -15.79 12.80
CA ALA B 122 -3.90 -17.01 12.78
C ALA B 122 -4.50 -18.08 11.87
N ALA B 123 -5.82 -18.21 11.79
CA ALA B 123 -6.44 -19.18 10.88
C ALA B 123 -5.94 -18.94 9.45
N LEU B 124 -5.62 -17.70 9.08
CA LEU B 124 -5.39 -17.33 7.65
C LEU B 124 -3.90 -17.28 7.29
N ALA B 125 -3.03 -17.36 8.27
CA ALA B 125 -1.66 -16.86 8.09
C ALA B 125 -0.73 -18.03 7.75
N ARG B 126 0.16 -17.79 6.81
CA ARG B 126 1.33 -18.66 6.65
C ARG B 126 2.13 -18.67 7.96
N ALA B 127 2.15 -17.57 8.72
CA ALA B 127 2.94 -17.48 9.97
C ALA B 127 2.56 -18.65 10.91
N SER B 128 1.28 -19.02 10.98
CA SER B 128 0.78 -20.09 11.88
C SER B 128 0.72 -21.43 11.15
N ARG B 129 1.16 -21.44 9.89
CA ARG B 129 0.91 -22.49 8.88
C ARG B 129 -0.57 -22.87 8.97
N TRP B 130 -1.43 -21.88 8.96
CA TRP B 130 -2.91 -21.99 8.94
C TRP B 130 -3.36 -22.85 10.13
N ASN B 131 -2.77 -22.55 11.29
CA ASN B 131 -2.97 -23.18 12.62
C ASN B 131 -2.39 -24.58 12.69
N ASN B 132 -1.59 -25.00 11.73
CA ASN B 132 -0.89 -26.30 11.86
C ASN B 132 0.19 -26.17 12.94
N ILE B 133 0.67 -24.95 13.25
CA ILE B 133 1.41 -24.61 14.49
C ILE B 133 0.35 -24.35 15.57
N SER B 134 0.02 -25.34 16.40
CA SER B 134 -1.26 -25.30 17.19
C SER B 134 -1.19 -24.28 18.33
N ASP B 135 0.01 -23.90 18.78
CA ASP B 135 0.16 -23.00 19.95
C ASP B 135 0.69 -21.63 19.45
N TYR B 136 0.58 -21.36 18.14
CA TYR B 136 1.18 -20.17 17.50
C TYR B 136 0.86 -18.91 18.34
N LEU B 137 -0.41 -18.69 18.70
CA LEU B 137 -0.77 -17.42 19.37
C LEU B 137 -0.08 -17.28 20.73
N GLN B 138 0.43 -18.36 21.30
CA GLN B 138 1.21 -18.30 22.57
C GLN B 138 2.72 -18.24 22.30
N THR B 139 3.23 -18.79 21.20
CA THR B 139 4.68 -18.97 20.92
C THR B 139 5.20 -17.93 19.91
N ALA B 140 4.34 -17.15 19.27
CA ALA B 140 4.69 -16.26 18.13
C ALA B 140 5.71 -15.20 18.59
N ASP B 141 5.37 -14.44 19.64
CA ASP B 141 6.12 -13.21 20.04
C ASP B 141 7.59 -13.62 20.24
N GLU B 142 7.89 -14.79 20.79
CA GLU B 142 9.27 -15.21 21.13
C GLU B 142 10.16 -15.34 19.88
N GLN B 143 9.62 -15.69 18.71
CA GLN B 143 10.45 -15.92 17.51
C GLN B 143 10.41 -14.70 16.58
N ILE B 144 9.83 -13.57 17.00
CA ILE B 144 9.83 -12.32 16.20
C ILE B 144 11.05 -11.49 16.64
N CYS B 145 11.77 -10.95 15.67
CA CYS B 145 12.96 -10.12 15.89
C CYS B 145 12.72 -8.76 15.26
N LEU B 146 12.82 -7.68 16.05
CA LEU B 146 12.64 -6.30 15.55
C LEU B 146 13.98 -5.55 15.42
N LEU B 147 14.29 -5.12 14.21
CA LEU B 147 15.47 -4.30 13.95
C LEU B 147 14.94 -2.93 13.52
N VAL B 148 15.64 -1.87 13.92
CA VAL B 148 15.26 -0.53 13.45
C VAL B 148 16.46 0.12 12.77
N GLN B 149 16.20 1.01 11.84
CA GLN B 149 17.29 1.69 11.12
C GLN B 149 17.42 3.09 11.68
N VAL B 150 18.67 3.47 12.00
CA VAL B 150 19.00 4.89 12.31
C VAL B 150 19.78 5.44 11.11
N GLU B 151 19.18 6.41 10.43
CA GLU B 151 19.74 6.90 9.15
C GLU B 151 19.41 8.36 8.91
N SER B 152 19.11 9.12 9.95
CA SER B 152 18.84 10.58 9.92
C SER B 152 19.53 11.26 11.12
N LYS B 153 19.75 12.56 11.02
CA LYS B 153 20.26 13.33 12.18
C LYS B 153 19.29 13.18 13.34
N LYS B 154 17.99 13.24 13.06
CA LYS B 154 16.99 13.09 14.15
C LYS B 154 17.18 11.72 14.84
N GLY B 155 17.38 10.65 14.08
CA GLY B 155 17.63 9.34 14.72
C GLY B 155 18.87 9.41 15.59
N LEU B 156 19.97 9.99 15.08
CA LEU B 156 21.22 10.05 15.89
C LEU B 156 20.97 10.94 17.10
N ASP B 157 20.08 11.92 16.96
CA ASP B 157 19.73 12.85 18.06
C ASP B 157 18.91 12.12 19.13
N ASN B 158 18.40 10.91 18.83
CA ASN B 158 17.53 10.14 19.72
C ASN B 158 18.13 8.75 19.96
N LEU B 159 19.39 8.55 19.64
CA LEU B 159 20.00 7.20 19.65
C LEU B 159 19.93 6.59 21.06
N ASP B 160 20.32 7.33 22.11
CA ASP B 160 20.34 6.80 23.50
C ASP B 160 18.93 6.33 23.88
N GLU B 161 17.94 7.11 23.51
CA GLU B 161 16.52 6.85 23.83
C GLU B 161 16.06 5.63 23.05
N ILE B 162 16.38 5.55 21.77
CA ILE B 162 16.03 4.35 20.97
C ILE B 162 16.68 3.11 21.61
N LEU B 163 17.93 3.23 22.05
CA LEU B 163 18.69 2.06 22.58
C LEU B 163 18.14 1.63 23.94
N ASN B 164 17.36 2.50 24.58
CA ASN B 164 16.73 2.15 25.88
C ASN B 164 15.36 1.47 25.64
N VAL B 165 14.91 1.28 24.40
CA VAL B 165 13.57 0.67 24.15
C VAL B 165 13.70 -0.86 24.24
N ASP B 166 13.03 -1.44 25.23
CA ASP B 166 12.92 -2.92 25.33
C ASP B 166 12.08 -3.41 24.16
N GLY B 167 12.64 -4.35 23.44
CA GLY B 167 11.91 -4.93 22.30
C GLY B 167 12.64 -4.60 21.02
N VAL B 168 13.47 -3.57 21.01
CA VAL B 168 14.36 -3.35 19.85
C VAL B 168 15.51 -4.35 19.98
N ASP B 169 15.67 -5.30 19.05
CA ASP B 169 16.74 -6.33 19.18
C ASP B 169 18.05 -5.79 18.57
N GLY B 170 17.97 -4.87 17.62
CA GLY B 170 19.13 -4.41 16.85
C GLY B 170 18.84 -3.10 16.18
N ILE B 171 19.89 -2.34 15.98
CA ILE B 171 19.87 -1.07 15.24
C ILE B 171 20.84 -1.25 14.09
N PHE B 172 20.31 -1.03 12.89
CA PHE B 172 21.05 -1.10 11.62
C PHE B 172 21.30 0.34 11.20
N ILE B 173 22.52 0.57 10.78
CA ILE B 173 23.00 1.87 10.23
C ILE B 173 23.02 1.74 8.72
N GLY B 174 22.28 2.60 8.05
CA GLY B 174 22.23 2.69 6.57
C GLY B 174 23.12 3.83 6.09
N PRO B 175 24.33 3.53 5.61
CA PRO B 175 25.31 4.58 5.29
C PRO B 175 24.84 5.48 4.13
N ALA B 176 24.02 4.97 3.21
CA ALA B 176 23.48 5.78 2.10
C ALA B 176 22.63 6.90 2.68
N ASP B 177 21.58 6.59 3.43
CA ASP B 177 20.66 7.63 3.94
C ASP B 177 21.49 8.50 4.88
N LEU B 178 22.38 7.90 5.67
CA LEU B 178 23.04 8.65 6.79
C LEU B 178 24.00 9.68 6.16
N SER B 179 24.85 9.26 5.24
CA SER B 179 25.83 10.13 4.56
C SER B 179 25.08 11.25 3.85
N ALA B 180 23.95 10.95 3.19
CA ALA B 180 23.10 11.98 2.55
C ALA B 180 22.58 12.94 3.64
N ALA B 181 22.07 12.43 4.75
CA ALA B 181 21.49 13.31 5.80
C ALA B 181 22.58 14.27 6.28
N LEU B 182 23.82 13.78 6.36
CA LEU B 182 24.97 14.49 6.94
C LEU B 182 25.54 15.44 5.86
N GLY B 183 24.95 15.53 4.67
CA GLY B 183 25.42 16.45 3.61
C GLY B 183 26.58 15.87 2.81
N TYR B 184 26.80 14.56 2.85
CA TYR B 184 27.78 13.83 2.00
C TYR B 184 27.09 12.79 1.12
N ARG B 185 26.04 13.21 0.43
CA ARG B 185 25.25 12.29 -0.42
C ARG B 185 26.19 11.62 -1.42
N GLY B 186 26.24 10.30 -1.41
CA GLY B 186 27.00 9.51 -2.39
C GLY B 186 28.41 9.26 -1.92
N ASN B 187 28.81 9.76 -0.74
CA ASN B 187 30.22 9.70 -0.25
C ASN B 187 30.25 9.30 1.22
N PRO B 188 29.72 8.11 1.56
CA PRO B 188 29.74 7.62 2.93
C PRO B 188 31.16 7.34 3.46
N GLY B 189 32.12 7.13 2.54
CA GLY B 189 33.55 6.88 2.81
C GLY B 189 34.23 7.99 3.59
N HIS B 190 33.70 9.22 3.56
CA HIS B 190 34.29 10.41 4.23
C HIS B 190 34.47 10.16 5.72
N GLU B 191 35.65 10.56 6.23
CA GLU B 191 36.02 10.45 7.64
C GLU B 191 34.95 11.04 8.58
N PHE B 192 34.33 12.17 8.25
CA PHE B 192 33.28 12.76 9.13
C PHE B 192 32.16 11.72 9.31
N VAL B 193 31.73 11.10 8.21
CA VAL B 193 30.64 10.07 8.25
C VAL B 193 31.15 8.83 9.00
N GLN B 194 32.32 8.31 8.63
CA GLN B 194 32.85 7.05 9.22
C GLN B 194 33.01 7.19 10.74
N ASN B 195 33.50 8.33 11.25
CA ASN B 195 33.69 8.46 12.72
C ASN B 195 32.31 8.38 13.38
N ILE B 196 31.28 8.96 12.76
CA ILE B 196 29.90 8.91 13.33
C ILE B 196 29.42 7.44 13.32
N ILE B 197 29.67 6.73 12.25
CA ILE B 197 29.24 5.29 12.16
C ILE B 197 29.94 4.50 13.29
N VAL B 198 31.23 4.65 13.48
CA VAL B 198 32.01 3.81 14.46
C VAL B 198 31.46 4.10 15.86
N GLN B 199 31.30 5.36 16.22
CA GLN B 199 30.79 5.76 17.56
C GLN B 199 29.39 5.18 17.75
N THR B 200 28.54 5.22 16.71
CA THR B 200 27.16 4.71 16.72
C THR B 200 27.21 3.20 16.99
N ILE B 201 28.00 2.45 16.23
CA ILE B 201 28.13 0.98 16.45
C ILE B 201 28.56 0.77 17.93
N GLN B 202 29.55 1.51 18.41
CA GLN B 202 30.05 1.34 19.82
C GLN B 202 28.92 1.58 20.81
N LYS B 203 28.11 2.62 20.60
CA LYS B 203 27.02 2.98 21.54
C LYS B 203 25.95 1.90 21.49
N ILE B 204 25.63 1.39 20.30
CA ILE B 204 24.64 0.30 20.13
C ILE B 204 25.08 -0.91 20.96
N ARG B 205 26.30 -1.37 20.76
CA ARG B 205 26.79 -2.59 21.44
C ARG B 205 26.90 -2.31 22.95
N ALA B 206 27.34 -1.12 23.34
CA ALA B 206 27.49 -0.75 24.76
C ALA B 206 26.12 -0.87 25.45
N ALA B 207 25.02 -0.68 24.73
CA ALA B 207 23.67 -0.69 25.34
C ALA B 207 23.10 -2.12 25.30
N GLY B 208 23.86 -3.13 24.87
CA GLY B 208 23.39 -4.54 24.81
C GLY B 208 22.52 -4.84 23.59
N LYS B 209 22.52 -4.02 22.56
CA LYS B 209 21.70 -4.32 21.36
C LYS B 209 22.65 -4.82 20.28
N ALA B 210 22.14 -5.46 19.24
CA ALA B 210 22.94 -5.90 18.08
C ALA B 210 23.11 -4.71 17.14
N ALA B 211 24.28 -4.52 16.61
CA ALA B 211 24.53 -3.48 15.60
C ALA B 211 24.57 -4.15 14.25
N GLY B 212 24.07 -3.46 13.24
CA GLY B 212 24.06 -3.91 11.85
C GLY B 212 24.44 -2.82 10.89
N ILE B 213 24.91 -3.23 9.73
CA ILE B 213 25.31 -2.30 8.65
C ILE B 213 25.39 -3.08 7.34
N LEU B 214 25.32 -2.34 6.24
CA LEU B 214 25.64 -2.79 4.87
C LEU B 214 26.83 -1.98 4.36
N SER B 215 27.85 -2.67 3.88
CA SER B 215 28.85 -2.06 2.98
C SER B 215 29.25 -3.08 1.92
N ALA B 216 29.19 -2.67 0.67
CA ALA B 216 29.71 -3.42 -0.50
C ALA B 216 31.23 -3.25 -0.59
N ASP B 217 31.78 -2.33 0.19
CA ASP B 217 33.25 -2.15 0.31
C ASP B 217 33.81 -3.21 1.24
N GLU B 218 34.60 -4.14 0.72
CA GLU B 218 35.16 -5.27 1.48
C GLU B 218 35.96 -4.75 2.68
N LYS B 219 36.75 -3.69 2.48
CA LYS B 219 37.61 -3.20 3.57
C LYS B 219 36.71 -2.65 4.69
N LEU B 220 35.69 -1.87 4.34
CA LEU B 220 34.81 -1.25 5.36
C LEU B 220 34.06 -2.37 6.08
N ALA B 221 33.55 -3.34 5.32
CA ALA B 221 32.82 -4.52 5.88
C ALA B 221 33.69 -5.24 6.89
N LYS B 222 34.90 -5.57 6.52
CA LYS B 222 35.84 -6.26 7.47
C LYS B 222 36.18 -5.35 8.67
N GLN B 223 36.30 -4.04 8.47
CA GLN B 223 36.52 -3.09 9.60
C GLN B 223 35.29 -3.22 10.53
N TYR B 224 34.06 -3.25 10.00
CA TYR B 224 32.87 -3.26 10.87
C TYR B 224 32.81 -4.59 11.63
N LEU B 225 33.18 -5.70 10.99
CA LEU B 225 33.23 -7.03 11.66
C LEU B 225 34.30 -7.00 12.75
N GLU B 226 35.42 -6.29 12.54
CA GLU B 226 36.49 -6.23 13.59
C GLU B 226 35.93 -5.50 14.81
N LEU B 227 35.00 -4.54 14.65
CA LEU B 227 34.39 -3.83 15.81
C LEU B 227 33.37 -4.69 16.54
N GLY B 228 33.01 -5.86 16.00
CA GLY B 228 32.06 -6.79 16.63
C GLY B 228 30.64 -6.59 16.13
N THR B 229 30.45 -5.82 15.06
CA THR B 229 29.11 -5.61 14.47
C THR B 229 28.48 -6.99 14.24
N GLU B 230 27.28 -7.18 14.73
CA GLU B 230 26.61 -8.50 14.84
C GLU B 230 25.99 -8.96 13.50
N PHE B 231 25.44 -8.06 12.71
CA PHE B 231 24.84 -8.42 11.40
C PHE B 231 25.32 -7.44 10.32
N VAL B 232 26.10 -7.99 9.40
CA VAL B 232 26.81 -7.20 8.35
C VAL B 232 26.40 -7.75 6.98
N ALA B 233 25.67 -6.96 6.21
CA ALA B 233 25.36 -7.26 4.80
C ALA B 233 26.56 -6.77 3.97
N VAL B 234 27.06 -7.62 3.07
CA VAL B 234 28.36 -7.39 2.37
C VAL B 234 28.18 -7.16 0.87
N GLY B 235 26.94 -7.21 0.38
CA GLY B 235 26.67 -6.99 -1.05
C GLY B 235 25.18 -6.93 -1.34
N VAL B 236 24.85 -6.64 -2.58
CA VAL B 236 23.47 -6.42 -3.08
C VAL B 236 23.33 -7.22 -4.37
N ASP B 237 22.29 -8.03 -4.52
CA ASP B 237 22.13 -8.88 -5.73
C ASP B 237 22.14 -7.99 -6.99
N THR B 238 21.36 -6.91 -7.07
CA THR B 238 21.26 -6.11 -8.30
C THR B 238 22.66 -5.61 -8.66
N SER B 239 23.43 -5.16 -7.67
CA SER B 239 24.80 -4.58 -7.89
C SER B 239 25.75 -5.67 -8.40
N LEU B 240 25.74 -6.84 -7.77
CA LEU B 240 26.61 -7.97 -8.17
C LEU B 240 26.27 -8.43 -9.57
N LEU B 241 24.97 -8.52 -9.88
CA LEU B 241 24.54 -8.90 -11.24
C LEU B 241 25.07 -7.87 -12.23
N MET B 242 24.87 -6.57 -12.02
CA MET B 242 25.25 -5.54 -13.00
C MET B 242 26.79 -5.53 -13.11
N LYS B 243 27.51 -5.59 -11.98
CA LYS B 243 28.99 -5.44 -12.04
C LYS B 243 29.58 -6.67 -12.74
N SER B 244 29.07 -7.88 -12.49
CA SER B 244 29.65 -9.12 -13.07
C SER B 244 29.42 -9.10 -14.58
N MET B 245 28.28 -8.59 -15.04
CA MET B 245 27.99 -8.52 -16.49
C MET B 245 28.87 -7.45 -17.11
N LYS B 246 29.04 -6.32 -16.46
CA LYS B 246 29.89 -5.23 -16.99
C LYS B 246 31.36 -5.66 -17.08
N GLN B 247 31.87 -6.31 -16.04
CA GLN B 247 33.30 -6.74 -15.96
C GLN B 247 33.55 -7.78 -17.06
N LEU B 248 32.58 -8.66 -17.28
CA LEU B 248 32.69 -9.69 -18.35
C LEU B 248 32.72 -8.99 -19.71
N LEU B 249 31.81 -8.03 -19.95
CA LEU B 249 31.76 -7.42 -21.29
C LEU B 249 33.12 -6.75 -21.57
N SER B 250 33.70 -6.12 -20.54
CA SER B 250 34.94 -5.32 -20.64
C SER B 250 36.12 -6.17 -21.14
N LYS B 251 36.14 -7.46 -20.87
CA LYS B 251 37.17 -8.40 -21.40
C LYS B 251 37.10 -8.54 -22.93
N PHE B 252 35.99 -8.17 -23.55
CA PHE B 252 35.75 -8.31 -25.01
C PHE B 252 35.40 -6.97 -25.67
N LYS B 253 35.15 -5.90 -24.90
CA LYS B 253 34.38 -4.65 -25.19
C LYS B 253 33.66 -4.75 -26.55
N MET C 1 -27.01 0.42 -18.72
CA MET C 1 -26.92 -0.54 -17.60
C MET C 1 -27.30 0.20 -16.30
N VAL C 2 -28.09 -0.44 -15.43
CA VAL C 2 -28.36 0.10 -14.05
C VAL C 2 -27.20 -0.37 -13.17
N ASN C 3 -26.93 0.36 -12.07
CA ASN C 3 -25.87 0.03 -11.06
C ASN C 3 -26.20 -1.37 -10.51
N THR C 4 -25.17 -2.21 -10.25
CA THR C 4 -25.34 -3.54 -9.62
C THR C 4 -26.11 -3.37 -8.29
N VAL C 5 -27.16 -4.16 -8.04
CA VAL C 5 -27.96 -3.95 -6.80
C VAL C 5 -27.18 -4.63 -5.67
N ASN C 6 -27.01 -3.94 -4.56
CA ASN C 6 -26.29 -4.56 -3.41
C ASN C 6 -27.35 -5.32 -2.57
N TYR C 7 -27.49 -6.60 -2.87
CA TYR C 7 -28.49 -7.50 -2.24
C TYR C 7 -28.05 -7.80 -0.82
N PHE C 8 -26.73 -7.85 -0.55
CA PHE C 8 -26.21 -8.01 0.82
C PHE C 8 -26.80 -6.90 1.70
N LYS C 9 -26.66 -5.68 1.23
CA LYS C 9 -27.12 -4.48 1.95
C LYS C 9 -28.63 -4.58 2.22
N GLN C 10 -29.44 -4.92 1.23
CA GLN C 10 -30.91 -5.03 1.38
C GLN C 10 -31.26 -6.12 2.41
N LYS C 11 -30.58 -7.26 2.29
CA LYS C 11 -30.85 -8.45 3.12
C LYS C 11 -30.45 -8.21 4.57
N LEU C 12 -29.62 -7.21 4.88
CA LEU C 12 -29.33 -6.85 6.29
C LEU C 12 -30.65 -6.57 7.03
N LYS C 13 -31.70 -6.16 6.34
CA LYS C 13 -32.98 -5.84 7.03
C LYS C 13 -34.02 -6.94 6.86
N THR C 14 -33.76 -7.99 6.08
CA THR C 14 -34.83 -8.95 5.71
C THR C 14 -34.46 -10.41 6.04
N GLU C 15 -33.20 -10.75 6.28
CA GLU C 15 -32.86 -12.17 6.55
C GLU C 15 -31.50 -12.27 7.26
N GLN C 16 -31.10 -13.48 7.55
CA GLN C 16 -29.82 -13.78 8.20
C GLN C 16 -28.94 -14.41 7.13
N GLN C 17 -27.82 -13.77 6.82
CA GLN C 17 -26.98 -14.15 5.65
C GLN C 17 -25.81 -14.99 6.16
N ILE C 18 -25.59 -16.13 5.55
CA ILE C 18 -24.49 -17.07 5.91
C ILE C 18 -23.28 -16.78 5.01
N GLY C 19 -22.12 -16.60 5.62
CA GLY C 19 -20.90 -16.15 4.95
C GLY C 19 -19.77 -17.14 5.04
N MET C 20 -18.84 -17.00 4.10
CA MET C 20 -17.58 -17.78 4.06
C MET C 20 -16.43 -16.79 3.93
N TRP C 21 -15.41 -16.99 4.75
CA TRP C 21 -14.17 -16.19 4.67
C TRP C 21 -13.33 -16.70 3.49
N VAL C 22 -12.87 -15.81 2.64
CA VAL C 22 -12.06 -16.17 1.46
C VAL C 22 -10.67 -15.58 1.71
N GLY C 23 -9.72 -16.42 2.14
CA GLY C 23 -8.33 -15.97 2.30
C GLY C 23 -7.32 -16.73 1.48
N LEU C 24 -7.77 -17.43 0.44
CA LEU C 24 -6.84 -18.16 -0.46
C LEU C 24 -6.26 -17.20 -1.51
N ALA C 25 -6.77 -15.97 -1.59
CA ALA C 25 -6.03 -14.82 -2.21
C ALA C 25 -5.84 -15.06 -3.71
N ASP C 26 -6.82 -15.65 -4.34
CA ASP C 26 -6.65 -16.19 -5.69
C ASP C 26 -8.02 -16.16 -6.44
N GLY C 27 -8.11 -15.65 -7.68
CA GLY C 27 -9.35 -15.66 -8.48
C GLY C 27 -9.96 -17.05 -8.68
N TYR C 28 -9.13 -18.05 -8.92
CA TYR C 28 -9.54 -19.46 -9.15
C TYR C 28 -10.15 -20.05 -7.87
N CYS C 29 -9.47 -19.97 -6.73
CA CYS C 29 -10.06 -20.34 -5.42
C CYS C 29 -11.32 -19.54 -5.07
N ALA C 30 -11.34 -18.24 -5.36
CA ALA C 30 -12.55 -17.43 -5.10
C ALA C 30 -13.74 -18.00 -5.90
N GLU C 31 -13.54 -18.32 -7.17
CA GLU C 31 -14.61 -18.94 -8.01
C GLU C 31 -15.09 -20.27 -7.38
N ILE C 32 -14.20 -21.09 -6.84
CA ILE C 32 -14.63 -22.37 -6.24
C ILE C 32 -15.59 -22.07 -5.09
N ALA C 33 -15.21 -21.12 -4.23
CA ALA C 33 -16.09 -20.68 -3.12
C ALA C 33 -17.41 -20.17 -3.68
N ALA C 34 -17.36 -19.36 -4.73
CA ALA C 34 -18.55 -18.69 -5.32
C ALA C 34 -19.58 -19.76 -5.73
N ASN C 35 -19.16 -20.99 -6.08
CA ASN C 35 -20.09 -22.01 -6.59
C ASN C 35 -20.91 -22.62 -5.45
N VAL C 36 -20.49 -22.44 -4.20
CA VAL C 36 -21.09 -23.24 -3.08
C VAL C 36 -22.52 -22.78 -2.78
N GLY C 37 -22.82 -21.48 -2.82
CA GLY C 37 -24.16 -20.95 -2.48
C GLY C 37 -24.18 -20.11 -1.21
N TYR C 38 -23.04 -19.69 -0.65
CA TYR C 38 -23.02 -18.78 0.51
C TYR C 38 -23.73 -17.47 0.15
N ASP C 39 -24.33 -16.81 1.13
CA ASP C 39 -24.98 -15.51 0.93
C ASP C 39 -23.90 -14.45 0.64
N TRP C 40 -22.77 -14.55 1.33
CA TRP C 40 -21.68 -13.58 1.19
C TRP C 40 -20.32 -14.27 1.28
N LEU C 41 -19.34 -13.67 0.64
CA LEU C 41 -17.94 -14.10 0.62
C LEU C 41 -17.12 -12.91 1.09
N LEU C 42 -16.34 -13.09 2.13
CA LEU C 42 -15.43 -12.03 2.67
C LEU C 42 -14.06 -12.21 2.03
N ILE C 43 -13.68 -11.30 1.15
CA ILE C 43 -12.35 -11.27 0.51
C ILE C 43 -11.48 -10.49 1.48
N ASP C 44 -10.56 -11.20 2.16
CA ASP C 44 -9.81 -10.67 3.32
C ASP C 44 -8.54 -9.99 2.83
N GLY C 45 -8.56 -8.66 2.80
CA GLY C 45 -7.39 -7.84 2.41
C GLY C 45 -6.57 -7.51 3.64
N GLU C 46 -6.97 -7.97 4.81
CA GLU C 46 -6.32 -7.64 6.09
C GLU C 46 -5.42 -8.81 6.52
N HIS C 47 -5.89 -10.04 6.41
CA HIS C 47 -5.16 -11.17 7.04
C HIS C 47 -4.84 -12.22 5.98
N ALA C 48 -5.15 -11.96 4.71
CA ALA C 48 -4.69 -12.85 3.61
C ALA C 48 -3.84 -12.02 2.67
N PRO C 49 -2.91 -12.63 1.88
CA PRO C 49 -1.93 -11.89 1.07
C PRO C 49 -2.58 -11.37 -0.23
N ASN C 50 -3.38 -10.34 -0.05
CA ASN C 50 -4.17 -9.71 -1.12
C ASN C 50 -3.69 -8.28 -1.32
N ASP C 51 -3.87 -7.76 -2.51
CA ASP C 51 -3.68 -6.34 -2.82
C ASP C 51 -4.85 -5.93 -3.71
N VAL C 52 -4.90 -4.68 -4.12
CA VAL C 52 -6.03 -4.23 -5.00
C VAL C 52 -6.15 -5.16 -6.20
N ARG C 53 -5.06 -5.45 -6.87
CA ARG C 53 -5.14 -6.27 -8.11
C ARG C 53 -5.66 -7.69 -7.83
N SER C 54 -5.21 -8.40 -6.81
CA SER C 54 -5.73 -9.76 -6.50
C SER C 54 -7.19 -9.69 -6.04
N ILE C 55 -7.61 -8.61 -5.37
CA ILE C 55 -9.03 -8.49 -4.93
C ILE C 55 -9.91 -8.30 -6.18
N LEU C 56 -9.44 -7.50 -7.13
CA LEU C 56 -10.15 -7.31 -8.41
C LEU C 56 -10.37 -8.65 -9.09
N ALA C 57 -9.34 -9.47 -9.21
CA ALA C 57 -9.46 -10.79 -9.88
C ALA C 57 -10.54 -11.62 -9.17
N GLN C 58 -10.60 -11.55 -7.84
CA GLN C 58 -11.61 -12.33 -7.06
C GLN C 58 -13.00 -11.75 -7.21
N LEU C 59 -13.17 -10.42 -7.23
CA LEU C 59 -14.49 -9.83 -7.58
C LEU C 59 -14.93 -10.33 -8.96
N GLN C 60 -14.02 -10.37 -9.94
CA GLN C 60 -14.40 -10.75 -11.33
C GLN C 60 -14.90 -12.19 -11.35
N SER C 61 -14.22 -13.07 -10.63
CA SER C 61 -14.58 -14.51 -10.53
C SER C 61 -15.99 -14.64 -9.93
N ILE C 62 -16.16 -14.01 -8.79
CA ILE C 62 -17.39 -14.13 -7.94
C ILE C 62 -18.59 -13.51 -8.65
N ALA C 63 -18.35 -12.47 -9.46
CA ALA C 63 -19.41 -11.67 -10.11
C ALA C 63 -20.38 -12.53 -10.92
N ALA C 64 -20.00 -13.66 -11.50
CA ALA C 64 -20.93 -14.50 -12.29
C ALA C 64 -21.92 -15.24 -11.37
N TYR C 65 -21.74 -15.19 -10.06
CA TYR C 65 -22.46 -16.09 -9.13
C TYR C 65 -23.28 -15.25 -8.17
N PRO C 66 -24.35 -15.83 -7.59
CA PRO C 66 -25.22 -15.07 -6.69
C PRO C 66 -24.57 -14.55 -5.41
N SER C 67 -23.53 -15.19 -4.88
CA SER C 67 -22.87 -14.82 -3.60
C SER C 67 -22.45 -13.36 -3.67
N GLN C 68 -22.69 -12.61 -2.61
CA GLN C 68 -22.34 -11.19 -2.55
C GLN C 68 -20.91 -11.04 -2.03
N ALA C 69 -20.13 -10.17 -2.65
CA ALA C 69 -18.74 -9.95 -2.19
C ALA C 69 -18.72 -8.82 -1.16
N VAL C 70 -17.97 -9.06 -0.10
CA VAL C 70 -17.61 -8.12 0.98
C VAL C 70 -16.09 -8.10 1.06
N VAL C 71 -15.50 -6.90 1.02
CA VAL C 71 -14.02 -6.78 1.07
C VAL C 71 -13.62 -6.16 2.40
N ARG C 72 -12.64 -6.77 3.06
CA ARG C 72 -12.01 -6.19 4.25
C ARG C 72 -10.67 -5.61 3.81
N PRO C 73 -10.52 -4.29 3.80
CA PRO C 73 -9.21 -3.68 3.59
C PRO C 73 -8.29 -3.88 4.82
N VAL C 74 -6.98 -3.72 4.62
CA VAL C 74 -5.96 -3.91 5.70
C VAL C 74 -6.24 -2.97 6.89
N SER C 75 -6.81 -1.78 6.65
CA SER C 75 -7.07 -0.78 7.71
C SER C 75 -8.08 0.23 7.16
N GLY C 76 -8.53 1.15 7.99
CA GLY C 76 -9.47 2.16 7.51
C GLY C 76 -8.73 3.29 6.84
N ASP C 77 -8.05 2.98 5.76
CA ASP C 77 -7.20 3.93 5.03
C ASP C 77 -8.07 4.55 3.93
N VAL C 78 -8.27 5.87 3.95
CA VAL C 78 -9.22 6.52 2.99
C VAL C 78 -8.80 6.23 1.55
N PRO C 79 -7.53 6.46 1.12
CA PRO C 79 -7.13 6.19 -0.27
C PRO C 79 -7.32 4.73 -0.68
N LEU C 80 -7.15 3.78 0.24
CA LEU C 80 -7.31 2.32 -0.08
C LEU C 80 -8.81 2.00 -0.25
N ILE C 81 -9.66 2.65 0.57
CA ILE C 81 -11.13 2.52 0.44
C ILE C 81 -11.53 3.05 -0.95
N LYS C 82 -11.05 4.24 -1.34
CA LYS C 82 -11.22 4.76 -2.71
C LYS C 82 -10.88 3.68 -3.76
N GLN C 83 -9.73 3.04 -3.66
CA GLN C 83 -9.31 2.04 -4.67
C GLN C 83 -10.26 0.85 -4.70
N LEU C 84 -10.64 0.32 -3.55
CA LEU C 84 -11.52 -0.88 -3.48
C LEU C 84 -12.90 -0.54 -4.03
N LEU C 85 -13.45 0.63 -3.72
CA LEU C 85 -14.75 1.05 -4.29
C LEU C 85 -14.65 1.16 -5.82
N ASP C 86 -13.54 1.65 -6.35
CA ASP C 86 -13.46 1.89 -7.82
C ASP C 86 -13.34 0.57 -8.58
N ILE C 87 -12.75 -0.46 -7.99
CA ILE C 87 -12.69 -1.78 -8.63
C ILE C 87 -14.04 -2.48 -8.47
N GLY C 88 -14.94 -1.94 -7.66
CA GLY C 88 -16.34 -2.36 -7.72
C GLY C 88 -16.82 -3.11 -6.50
N ALA C 89 -16.05 -3.16 -5.41
CA ALA C 89 -16.46 -3.72 -4.09
C ALA C 89 -17.59 -2.87 -3.53
N GLN C 90 -18.78 -3.43 -3.34
CA GLN C 90 -19.92 -2.55 -2.91
C GLN C 90 -20.14 -2.61 -1.41
N THR C 91 -19.54 -3.60 -0.75
CA THR C 91 -19.62 -3.72 0.72
C THR C 91 -18.22 -3.83 1.29
N LEU C 92 -17.94 -2.99 2.27
CA LEU C 92 -16.61 -2.98 2.94
C LEU C 92 -16.78 -3.26 4.43
N LEU C 93 -15.82 -4.02 4.94
CA LEU C 93 -15.73 -4.32 6.38
C LEU C 93 -14.42 -3.70 6.87
N ILE C 94 -14.50 -2.63 7.65
CA ILE C 94 -13.32 -1.84 8.10
C ILE C 94 -12.84 -2.43 9.41
N PRO C 95 -11.59 -2.96 9.52
CA PRO C 95 -11.15 -3.50 10.79
C PRO C 95 -10.80 -2.38 11.78
N MET C 96 -10.88 -2.74 13.04
CA MET C 96 -10.27 -2.02 14.19
C MET C 96 -10.80 -0.59 14.25
N VAL C 97 -12.12 -0.43 14.15
CA VAL C 97 -12.81 0.88 14.32
C VAL C 97 -13.03 1.12 15.80
N GLU C 98 -12.61 2.27 16.31
CA GLU C 98 -12.50 2.49 17.76
C GLU C 98 -13.19 3.77 18.22
N SER C 99 -13.83 4.56 17.37
CA SER C 99 -14.49 5.83 17.80
C SER C 99 -15.56 6.22 16.78
N ALA C 100 -16.52 7.06 17.20
CA ALA C 100 -17.55 7.67 16.33
C ALA C 100 -16.83 8.52 15.26
N GLU C 101 -15.77 9.21 15.64
CA GLU C 101 -14.98 10.09 14.73
C GLU C 101 -14.38 9.22 13.61
N GLN C 102 -13.81 8.08 13.95
CA GLN C 102 -13.23 7.20 12.92
C GLN C 102 -14.38 6.63 12.08
N ALA C 103 -15.46 6.20 12.69
CA ALA C 103 -16.59 5.62 11.91
C ALA C 103 -17.16 6.67 10.96
N GLU C 104 -17.28 7.93 11.38
CA GLU C 104 -17.83 8.99 10.54
C GLU C 104 -16.90 9.20 9.34
N LEU C 105 -15.60 9.13 9.55
CA LEU C 105 -14.61 9.33 8.47
C LEU C 105 -14.74 8.18 7.45
N MET C 106 -15.01 6.95 7.93
CA MET C 106 -15.22 5.75 7.08
C MET C 106 -16.50 5.95 6.25
N VAL C 107 -17.55 6.52 6.83
CA VAL C 107 -18.79 6.84 6.08
C VAL C 107 -18.44 7.77 4.93
N LYS C 108 -17.73 8.85 5.24
CA LYS C 108 -17.38 9.89 4.24
C LYS C 108 -16.50 9.28 3.17
N ALA C 109 -15.62 8.37 3.57
CA ALA C 109 -14.66 7.73 2.63
C ALA C 109 -15.45 6.98 1.55
N THR C 110 -16.70 6.55 1.83
CA THR C 110 -17.53 5.74 0.92
C THR C 110 -18.53 6.57 0.10
N ARG C 111 -18.59 7.89 0.28
CA ARG C 111 -19.58 8.74 -0.42
C ARG C 111 -18.88 9.84 -1.23
N TYR C 112 -19.40 10.14 -2.41
CA TYR C 112 -18.82 11.22 -3.25
C TYR C 112 -18.99 12.59 -2.60
N PRO C 113 -18.12 13.55 -2.95
CA PRO C 113 -18.37 14.92 -2.57
C PRO C 113 -19.68 15.31 -3.24
N PRO C 114 -20.39 16.32 -2.72
CA PRO C 114 -19.88 17.16 -1.62
C PRO C 114 -20.16 16.58 -0.23
N GLU C 115 -20.99 15.52 -0.11
CA GLU C 115 -21.36 14.92 1.20
C GLU C 115 -20.21 14.07 1.73
N GLY C 116 -19.45 13.39 0.87
CA GLY C 116 -18.29 12.63 1.34
C GLY C 116 -16.98 13.04 0.72
N ILE C 117 -15.97 12.18 0.82
CA ILE C 117 -14.57 12.47 0.37
C ILE C 117 -14.09 11.34 -0.56
N ARG C 118 -14.97 10.48 -1.04
CA ARG C 118 -14.59 9.48 -2.07
C ARG C 118 -14.12 10.19 -3.37
N GLY C 119 -12.86 9.92 -3.76
CA GLY C 119 -12.29 10.40 -5.02
C GLY C 119 -13.14 10.01 -6.20
N VAL C 120 -13.33 10.93 -7.15
CA VAL C 120 -14.19 10.75 -8.35
C VAL C 120 -13.32 10.30 -9.52
N GLY C 121 -13.56 9.11 -10.06
CA GLY C 121 -12.87 8.59 -11.25
C GLY C 121 -13.67 7.54 -11.97
N ALA C 122 -14.91 7.91 -12.32
CA ALA C 122 -15.93 7.01 -12.90
C ALA C 122 -15.56 6.50 -14.29
N ALA C 123 -14.90 7.30 -15.12
CA ALA C 123 -14.49 6.86 -16.47
C ALA C 123 -13.57 5.63 -16.36
N LEU C 124 -12.78 5.53 -15.31
CA LEU C 124 -11.70 4.51 -15.20
C LEU C 124 -12.16 3.26 -14.43
N ALA C 125 -13.31 3.29 -13.81
CA ALA C 125 -13.64 2.37 -12.70
C ALA C 125 -14.46 1.20 -13.25
N ARG C 126 -14.09 -0.02 -12.85
CA ARG C 126 -15.05 -1.15 -12.94
C ARG C 126 -16.33 -0.82 -12.19
N ALA C 127 -16.30 -0.05 -11.10
CA ALA C 127 -17.54 0.27 -10.33
C ALA C 127 -18.63 0.87 -11.23
N SER C 128 -18.28 1.72 -12.20
CA SER C 128 -19.23 2.38 -13.13
C SER C 128 -19.34 1.59 -14.43
N ARG C 129 -18.64 0.46 -14.48
CA ARG C 129 -18.34 -0.31 -15.71
C ARG C 129 -17.84 0.67 -16.78
N TRP C 130 -16.90 1.52 -16.44
CA TRP C 130 -16.25 2.51 -17.34
C TRP C 130 -17.31 3.40 -18.00
N ASN C 131 -18.24 3.89 -17.16
CA ASN C 131 -19.38 4.77 -17.52
C ASN C 131 -20.47 4.05 -18.33
N ASN C 132 -20.40 2.73 -18.47
CA ASN C 132 -21.52 1.98 -19.09
C ASN C 132 -22.71 1.99 -18.12
N ILE C 133 -22.50 2.19 -16.82
CA ILE C 133 -23.59 2.58 -15.88
C ILE C 133 -23.73 4.09 -15.95
N SER C 134 -24.66 4.61 -16.77
CA SER C 134 -24.63 6.05 -17.21
C SER C 134 -24.92 7.00 -16.02
N ASP C 135 -25.64 6.57 -15.00
CA ASP C 135 -26.06 7.49 -13.91
C ASP C 135 -25.25 7.15 -12.64
N TYR C 136 -24.15 6.41 -12.80
CA TYR C 136 -23.33 5.89 -11.66
C TYR C 136 -23.11 6.98 -10.61
N LEU C 137 -22.60 8.14 -11.01
CA LEU C 137 -22.25 9.14 -9.97
C LEU C 137 -23.48 9.63 -9.22
N GLN C 138 -24.69 9.45 -9.75
CA GLN C 138 -25.94 9.83 -9.03
C GLN C 138 -26.40 8.66 -8.15
N THR C 139 -26.18 7.41 -8.54
CA THR C 139 -26.78 6.18 -7.96
C THR C 139 -25.77 5.36 -7.12
N ALA C 140 -24.50 5.73 -7.08
CA ALA C 140 -23.44 4.87 -6.46
C ALA C 140 -23.73 4.70 -4.96
N ASP C 141 -23.94 5.82 -4.27
CA ASP C 141 -23.95 5.88 -2.78
C ASP C 141 -25.01 4.87 -2.27
N GLU C 142 -26.16 4.74 -2.91
CA GLU C 142 -27.29 3.90 -2.43
C GLU C 142 -26.88 2.43 -2.34
N GLN C 143 -26.03 1.96 -3.24
CA GLN C 143 -25.68 0.52 -3.32
C GLN C 143 -24.36 0.23 -2.58
N ILE C 144 -23.78 1.21 -1.88
CA ILE C 144 -22.58 0.99 -1.03
C ILE C 144 -23.04 0.65 0.42
N CYS C 145 -22.45 -0.38 1.00
CA CYS C 145 -22.73 -0.83 2.39
C CYS C 145 -21.45 -0.71 3.21
N LEU C 146 -21.49 0.01 4.34
CA LEU C 146 -20.35 0.16 5.27
C LEU C 146 -20.54 -0.65 6.56
N LEU C 147 -19.64 -1.60 6.76
CA LEU C 147 -19.58 -2.39 8.00
C LEU C 147 -18.30 -1.97 8.70
N VAL C 148 -18.35 -1.90 10.03
CA VAL C 148 -17.13 -1.65 10.85
C VAL C 148 -16.96 -2.77 11.88
N GLN C 149 -15.72 -3.07 12.20
CA GLN C 149 -15.41 -4.11 13.19
C GLN C 149 -15.14 -3.44 14.54
N VAL C 150 -15.79 -3.96 15.56
CA VAL C 150 -15.40 -3.62 16.96
C VAL C 150 -14.67 -4.83 17.52
N GLU C 151 -13.39 -4.62 17.84
CA GLU C 151 -12.49 -5.73 18.18
C GLU C 151 -11.38 -5.29 19.13
N SER C 152 -11.61 -4.24 19.91
CA SER C 152 -10.66 -3.71 20.92
C SER C 152 -11.46 -3.20 22.12
N LYS C 153 -10.83 -3.08 23.28
CA LYS C 153 -11.48 -2.46 24.46
C LYS C 153 -11.90 -1.05 24.11
N LYS C 154 -11.05 -0.33 23.39
CA LYS C 154 -11.43 1.05 23.03
C LYS C 154 -12.72 1.06 22.19
N GLY C 155 -12.81 0.18 21.17
CA GLY C 155 -14.06 0.06 20.40
C GLY C 155 -15.23 -0.22 21.32
N LEU C 156 -15.10 -1.17 22.26
CA LEU C 156 -16.21 -1.48 23.22
C LEU C 156 -16.54 -0.24 24.06
N ASP C 157 -15.52 0.58 24.30
CA ASP C 157 -15.62 1.78 25.16
C ASP C 157 -16.33 2.89 24.39
N ASN C 158 -16.48 2.70 23.08
CA ASN C 158 -17.07 3.74 22.21
C ASN C 158 -18.25 3.13 21.46
N LEU C 159 -18.76 1.98 21.88
CA LEU C 159 -19.78 1.22 21.10
C LEU C 159 -21.05 2.07 20.90
N ASP C 160 -21.57 2.72 21.95
CA ASP C 160 -22.84 3.48 21.84
C ASP C 160 -22.65 4.64 20.84
N GLU C 161 -21.48 5.25 20.85
CA GLU C 161 -21.14 6.39 19.97
C GLU C 161 -21.01 5.89 18.53
N ILE C 162 -20.38 4.73 18.33
CA ILE C 162 -20.25 4.15 16.96
C ILE C 162 -21.66 3.78 16.45
N LEU C 163 -22.52 3.24 17.32
CA LEU C 163 -23.88 2.82 16.92
C LEU C 163 -24.77 4.02 16.63
N ASN C 164 -24.37 5.21 17.07
CA ASN C 164 -25.16 6.41 16.73
C ASN C 164 -24.69 7.02 15.40
N VAL C 165 -23.72 6.43 14.67
CA VAL C 165 -23.19 7.07 13.43
C VAL C 165 -24.12 6.69 12.28
N ASP C 166 -24.78 7.67 11.67
CA ASP C 166 -25.57 7.47 10.43
C ASP C 166 -24.56 7.16 9.32
N GLY C 167 -24.78 6.01 8.73
CA GLY C 167 -24.00 5.56 7.59
C GLY C 167 -23.32 4.26 7.90
N VAL C 168 -23.16 3.92 9.18
CA VAL C 168 -22.63 2.57 9.53
C VAL C 168 -23.82 1.63 9.38
N ASP C 169 -23.75 0.66 8.47
CA ASP C 169 -24.88 -0.26 8.22
C ASP C 169 -24.81 -1.43 9.21
N GLY C 170 -23.62 -1.75 9.71
CA GLY C 170 -23.44 -2.98 10.49
C GLY C 170 -22.15 -2.91 11.27
N ILE C 171 -22.17 -3.56 12.38
CA ILE C 171 -20.98 -3.75 13.23
C ILE C 171 -20.74 -5.26 13.31
N PHE C 172 -19.52 -5.64 12.95
CA PHE C 172 -19.04 -7.02 12.96
C PHE C 172 -18.12 -7.16 14.15
N ILE C 173 -18.35 -8.21 14.94
CA ILE C 173 -17.50 -8.57 16.11
C ILE C 173 -16.51 -9.63 15.66
N GLY C 174 -15.22 -9.35 15.79
CA GLY C 174 -14.13 -10.30 15.47
C GLY C 174 -13.63 -10.96 16.75
N PRO C 175 -14.03 -12.20 17.04
CA PRO C 175 -13.73 -12.80 18.33
C PRO C 175 -12.22 -13.03 18.54
N ALA C 176 -11.45 -13.25 17.47
CA ALA C 176 -10.00 -13.43 17.61
C ALA C 176 -9.40 -12.18 18.21
N ASP C 177 -9.53 -11.03 17.57
CA ASP C 177 -8.89 -9.79 18.08
C ASP C 177 -9.53 -9.50 19.45
N LEU C 178 -10.83 -9.69 19.58
CA LEU C 178 -11.54 -9.21 20.81
C LEU C 178 -11.05 -10.05 22.03
N SER C 179 -11.03 -11.36 21.92
CA SER C 179 -10.54 -12.30 22.95
C SER C 179 -9.10 -11.94 23.29
N ALA C 180 -8.27 -11.63 22.29
CA ALA C 180 -6.85 -11.24 22.52
C ALA C 180 -6.84 -9.92 23.32
N ALA C 181 -7.58 -8.90 22.87
CA ALA C 181 -7.63 -7.59 23.55
C ALA C 181 -8.05 -7.78 25.03
N LEU C 182 -8.94 -8.75 25.31
CA LEU C 182 -9.51 -8.98 26.65
C LEU C 182 -8.56 -9.83 27.53
N GLY C 183 -7.42 -10.25 26.99
CA GLY C 183 -6.42 -11.04 27.73
C GLY C 183 -6.73 -12.53 27.70
N TYR C 184 -7.52 -13.00 26.73
CA TYR C 184 -7.81 -14.43 26.48
C TYR C 184 -7.42 -14.83 25.05
N ARG C 185 -6.21 -14.47 24.65
CA ARG C 185 -5.73 -14.68 23.27
C ARG C 185 -5.80 -16.18 22.95
N GLY C 186 -6.54 -16.53 21.90
CA GLY C 186 -6.63 -17.91 21.40
C GLY C 186 -7.75 -18.66 22.09
N ASN C 187 -8.52 -18.01 22.97
CA ASN C 187 -9.58 -18.70 23.75
C ASN C 187 -10.82 -17.83 23.83
N PRO C 188 -11.43 -17.49 22.67
CA PRO C 188 -12.66 -16.71 22.64
C PRO C 188 -13.87 -17.43 23.28
N GLY C 189 -13.82 -18.76 23.37
CA GLY C 189 -14.84 -19.62 23.99
C GLY C 189 -15.09 -19.32 25.48
N HIS C 190 -14.19 -18.63 26.17
CA HIS C 190 -14.36 -18.32 27.62
C HIS C 190 -15.63 -17.50 27.88
N GLU C 191 -16.36 -17.83 28.95
CA GLU C 191 -17.59 -17.15 29.38
C GLU C 191 -17.41 -15.62 29.48
N PHE C 192 -16.31 -15.12 30.00
CA PHE C 192 -16.08 -13.67 30.15
C PHE C 192 -16.21 -13.00 28.76
N VAL C 193 -15.59 -13.64 27.75
CA VAL C 193 -15.58 -13.13 26.33
C VAL C 193 -16.98 -13.30 25.74
N GLN C 194 -17.57 -14.48 25.88
CA GLN C 194 -18.90 -14.76 25.29
C GLN C 194 -19.97 -13.82 25.87
N ASN C 195 -19.98 -13.52 27.16
CA ASN C 195 -21.00 -12.60 27.75
C ASN C 195 -20.85 -11.23 27.06
N ILE C 196 -19.63 -10.78 26.85
CA ILE C 196 -19.36 -9.47 26.21
C ILE C 196 -19.84 -9.50 24.75
N ILE C 197 -19.59 -10.60 24.04
CA ILE C 197 -20.09 -10.72 22.64
C ILE C 197 -21.62 -10.67 22.60
N VAL C 198 -22.33 -11.39 23.48
CA VAL C 198 -23.81 -11.45 23.48
C VAL C 198 -24.37 -10.05 23.74
N GLN C 199 -23.84 -9.36 24.75
CA GLN C 199 -24.30 -8.01 25.16
C GLN C 199 -24.06 -7.06 23.97
N THR C 200 -22.90 -7.19 23.32
CA THR C 200 -22.50 -6.37 22.15
C THR C 200 -23.50 -6.59 21.03
N ILE C 201 -23.80 -7.84 20.66
CA ILE C 201 -24.81 -8.18 19.61
C ILE C 201 -26.16 -7.51 19.98
N GLN C 202 -26.60 -7.69 21.21
CA GLN C 202 -27.91 -7.12 21.66
C GLN C 202 -27.94 -5.60 21.47
N LYS C 203 -26.89 -4.89 21.88
CA LYS C 203 -26.77 -3.41 21.80
C LYS C 203 -26.78 -2.97 20.34
N ILE C 204 -26.06 -3.70 19.50
CA ILE C 204 -25.98 -3.41 18.04
C ILE C 204 -27.41 -3.46 17.47
N ARG C 205 -28.11 -4.55 17.68
CA ARG C 205 -29.46 -4.73 17.11
C ARG C 205 -30.44 -3.73 17.75
N ALA C 206 -30.33 -3.43 19.03
CA ALA C 206 -31.21 -2.47 19.74
C ALA C 206 -31.07 -1.10 19.10
N ALA C 207 -29.90 -0.76 18.54
CA ALA C 207 -29.65 0.55 17.92
C ALA C 207 -30.06 0.55 16.43
N GLY C 208 -30.71 -0.51 15.93
CA GLY C 208 -31.19 -0.62 14.54
C GLY C 208 -30.07 -0.93 13.54
N LYS C 209 -28.88 -1.32 13.98
CA LYS C 209 -27.81 -1.70 13.02
C LYS C 209 -27.81 -3.21 12.86
N ALA C 210 -27.24 -3.73 11.77
CA ALA C 210 -26.97 -5.18 11.59
C ALA C 210 -25.75 -5.59 12.44
N ALA C 211 -25.83 -6.72 13.10
CA ALA C 211 -24.72 -7.34 13.85
C ALA C 211 -24.13 -8.45 12.99
N GLY C 212 -22.83 -8.61 13.03
CA GLY C 212 -22.16 -9.73 12.39
C GLY C 212 -21.07 -10.33 13.23
N ILE C 213 -20.67 -11.53 12.86
CA ILE C 213 -19.65 -12.28 13.60
C ILE C 213 -19.17 -13.39 12.69
N LEU C 214 -18.00 -13.89 13.02
CA LEU C 214 -17.44 -15.16 12.47
C LEU C 214 -17.27 -16.15 13.62
N SER C 215 -17.76 -17.36 13.46
CA SER C 215 -17.30 -18.51 14.25
C SER C 215 -17.27 -19.76 13.36
N ALA C 216 -16.15 -20.46 13.38
CA ALA C 216 -15.97 -21.80 12.81
C ALA C 216 -16.60 -22.85 13.73
N ASP C 217 -16.98 -22.47 14.95
CA ASP C 217 -17.65 -23.41 15.90
C ASP C 217 -19.14 -23.45 15.55
N GLU C 218 -19.62 -24.58 15.07
CA GLU C 218 -21.02 -24.71 14.63
C GLU C 218 -21.97 -24.29 15.76
N LYS C 219 -21.67 -24.72 16.99
CA LYS C 219 -22.61 -24.45 18.11
C LYS C 219 -22.65 -22.95 18.37
N LEU C 220 -21.49 -22.28 18.38
CA LEU C 220 -21.45 -20.82 18.64
C LEU C 220 -22.18 -20.11 17.50
N ALA C 221 -21.94 -20.52 16.25
CA ALA C 221 -22.58 -19.90 15.06
C ALA C 221 -24.10 -20.00 15.17
N LYS C 222 -24.65 -21.18 15.43
CA LYS C 222 -26.13 -21.32 15.57
C LYS C 222 -26.64 -20.53 16.79
N GLN C 223 -25.85 -20.42 17.87
CA GLN C 223 -26.25 -19.59 19.04
C GLN C 223 -26.34 -18.16 18.54
N TYR C 224 -25.38 -17.69 17.72
CA TYR C 224 -25.40 -16.28 17.29
C TYR C 224 -26.59 -16.08 16.37
N LEU C 225 -26.92 -17.06 15.51
CA LEU C 225 -28.10 -16.96 14.61
C LEU C 225 -29.38 -16.96 15.46
N GLU C 226 -29.45 -17.72 16.56
CA GLU C 226 -30.67 -17.69 17.44
C GLU C 226 -30.85 -16.29 18.04
N LEU C 227 -29.78 -15.54 18.29
CA LEU C 227 -29.87 -14.15 18.83
C LEU C 227 -30.36 -13.16 17.78
N GLY C 228 -30.40 -13.54 16.50
CA GLY C 228 -30.87 -12.70 15.38
C GLY C 228 -29.72 -12.03 14.66
N THR C 229 -28.47 -12.45 14.89
CA THR C 229 -27.32 -11.83 14.21
C THR C 229 -27.57 -11.90 12.69
N GLU C 230 -27.45 -10.76 12.04
CA GLU C 230 -27.83 -10.57 10.62
C GLU C 230 -26.79 -11.15 9.63
N PHE C 231 -25.48 -11.08 9.91
CA PHE C 231 -24.49 -11.66 8.96
C PHE C 231 -23.49 -12.48 9.75
N VAL C 232 -23.51 -13.78 9.50
CA VAL C 232 -22.72 -14.77 10.27
C VAL C 232 -21.86 -15.54 9.28
N ALA C 233 -20.55 -15.40 9.40
CA ALA C 233 -19.57 -16.20 8.65
C ALA C 233 -19.32 -17.46 9.48
N VAL C 234 -19.35 -18.62 8.84
CA VAL C 234 -19.41 -19.94 9.53
C VAL C 234 -18.17 -20.77 9.24
N GLY C 235 -17.24 -20.25 8.44
CA GLY C 235 -15.96 -20.95 8.21
C GLY C 235 -15.00 -20.11 7.37
N VAL C 236 -13.82 -20.64 7.15
CA VAL C 236 -12.70 -19.95 6.45
C VAL C 236 -12.17 -20.95 5.42
N ASP C 237 -11.89 -20.50 4.19
CA ASP C 237 -11.45 -21.43 3.13
C ASP C 237 -10.11 -22.06 3.51
N THR C 238 -9.10 -21.31 3.98
CA THR C 238 -7.80 -21.90 4.36
C THR C 238 -8.02 -23.01 5.39
N SER C 239 -8.76 -22.73 6.47
CA SER C 239 -9.02 -23.72 7.55
C SER C 239 -9.70 -24.96 7.00
N LEU C 240 -10.76 -24.81 6.19
CA LEU C 240 -11.48 -25.98 5.64
C LEU C 240 -10.59 -26.80 4.72
N LEU C 241 -9.78 -26.14 3.90
CA LEU C 241 -8.83 -26.87 3.04
C LEU C 241 -7.85 -27.63 3.92
N MET C 242 -7.22 -26.99 4.92
CA MET C 242 -6.17 -27.65 5.72
C MET C 242 -6.85 -28.79 6.49
N LYS C 243 -8.01 -28.52 7.10
CA LYS C 243 -8.64 -29.54 8.00
C LYS C 243 -9.09 -30.74 7.16
N SER C 244 -9.65 -30.54 5.97
CA SER C 244 -10.17 -31.66 5.16
C SER C 244 -9.00 -32.51 4.67
N MET C 245 -7.83 -31.93 4.39
CA MET C 245 -6.66 -32.70 3.93
C MET C 245 -6.06 -33.46 5.11
N LYS C 246 -6.03 -32.86 6.29
CA LYS C 246 -5.51 -33.54 7.50
C LYS C 246 -6.42 -34.71 7.89
N GLN C 247 -7.74 -34.51 7.87
CA GLN C 247 -8.72 -35.55 8.28
C GLN C 247 -8.60 -36.76 7.32
N LEU C 248 -8.41 -36.47 6.03
CA LEU C 248 -8.24 -37.52 5.03
C LEU C 248 -6.95 -38.29 5.31
N LEU C 249 -5.84 -37.58 5.50
CA LEU C 249 -4.57 -38.29 5.68
C LEU C 249 -4.70 -39.22 6.90
N SER C 250 -5.34 -38.75 7.97
CA SER C 250 -5.49 -39.48 9.26
C SER C 250 -6.14 -40.86 9.06
N LYS C 251 -6.95 -41.06 8.04
CA LYS C 251 -7.62 -42.35 7.75
C LYS C 251 -6.62 -43.36 7.20
N PHE C 252 -5.45 -42.90 6.75
CA PHE C 252 -4.42 -43.76 6.12
C PHE C 252 -3.10 -43.71 6.88
N LYS C 253 -2.94 -42.74 7.79
CA LYS C 253 -1.67 -42.18 8.36
C LYS C 253 -0.48 -42.45 7.44
C1 JBU D . -9.70 14.31 -13.65
C2 JBU D . -9.03 13.42 -12.70
C3 JBU D . -9.10 11.90 -12.88
C4 JBU D . -9.88 11.08 -13.92
C5 JBU D . -11.35 11.54 -14.08
C6 JBU D . -12.13 10.68 -15.13
O8 JBU D . -9.12 14.38 -14.74
O9 JBU D . -10.77 14.92 -13.34
O10 JBU D . -8.43 13.91 -11.77
O11 JBU D . -9.92 9.71 -13.49
O12 JBU D . -12.07 11.54 -12.82
O7 JBU D . -13.33 10.05 -14.58
MG MG E . -9.29 13.71 -9.46
CA CA F . 0.76 -6.90 -6.78
C1 JBU G . 21.73 1.10 3.33
C2 JBU G . 20.26 1.08 3.22
C3 JBU G . 19.59 0.68 1.93
C4 JBU G . 20.18 0.26 0.57
C5 JBU G . 21.37 1.16 0.09
C6 JBU G . 21.82 0.79 -1.36
O8 JBU G . 22.20 -0.04 3.46
O9 JBU G . 22.41 2.20 3.26
O10 JBU G . 19.59 1.43 4.17
O11 JBU G . 19.16 0.36 -0.40
O12 JBU G . 21.08 2.57 0.13
O7 JBU G . 21.88 1.93 -2.26
MG MG H . 18.35 3.54 4.00
C1 JBU I . -12.31 -12.49 13.19
C2 JBU I . -11.51 -11.63 12.31
C3 JBU I . -10.46 -12.22 11.36
C4 JBU I . -10.15 -13.71 11.08
C5 JBU I . -9.82 -14.52 12.35
C6 JBU I . -9.33 -15.94 11.99
O8 JBU I . -12.05 -12.65 14.44
O9 JBU I . -13.27 -13.04 12.61
O10 JBU I . -11.68 -10.41 12.34
O11 JBU I . -8.97 -13.78 10.29
O12 JBU I . -8.82 -13.84 13.16
O7 JBU I . -8.10 -16.29 12.66
MG MG J . -9.93 -9.13 13.51
#